data_4X95
#
_entry.id   4X95
#
_cell.length_a   72.385
_cell.length_b   125.275
_cell.length_c   140.215
_cell.angle_alpha   90.000
_cell.angle_beta   90.000
_cell.angle_gamma   90.000
#
_symmetry.space_group_name_H-M   'P 2 21 21'
#
loop_
_entity.id
_entity.type
_entity.pdbx_description
1 polymer 'Group XV phospholipase A2'
2 branched beta-D-mannopyranose-(1-4)-2-acetamido-2-deoxy-beta-D-glucopyranose-(1-4)-2-acetamido-2-deoxy-beta-D-glucopyranose
3 non-polymer 2-acetamido-2-deoxy-beta-D-glucopyranose
4 non-polymer 'METHYL ARACHIDONYL FLUOROPHOSPHONATE'
#
_entity_poly.entity_id   1
_entity_poly.type   'polypeptide(L)'
_entity_poly.pdbx_seq_one_letter_code
;GAGRHPPVVLVPGDLGNQLEAKLDKPTVVHYLCSKKTESYFTIWLNLELLLPVIIDCWIDNIRLVYNKTSRATQFPDGVD
VRVPGFGKTFSLEFLDPSKSSVGSYFHTMVESLVGWGYTRGEDVRGAPYDWRRAPNENGPYFLALREMIEEMYQLYGGPV
VLVAHSMGNMYTLYFLQRQPQAWKDKYIRAFVSLGAPWGGVAKTLRVLASGDNNRIPVIGPLKIREQQRSAVSTSWLLPY
NYTWSPEKVFVQTPTINYTLRDYRKFFQDIGFEDGWLMRQDTEGLVEATMPPGVQLHCLYGTGVPTPDSFYYESFPDRDP
KICFGDGDGTVNLKSALQCQAWQSRQEHQVLLQELPGSEHIEMLANATTLAYLKRVLLGP
;
_entity_poly.pdbx_strand_id   A,B
#
# COMPACT_ATOMS: atom_id res chain seq x y z
N HIS A 5 -21.07 -15.85 10.74
CA HIS A 5 -19.61 -16.10 10.71
C HIS A 5 -18.89 -15.29 11.78
N PRO A 6 -18.00 -15.92 12.56
CA PRO A 6 -17.37 -15.19 13.65
C PRO A 6 -16.23 -14.27 13.20
N PRO A 7 -15.91 -13.25 14.01
CA PRO A 7 -14.79 -12.35 13.69
C PRO A 7 -13.42 -13.06 13.66
N VAL A 8 -12.50 -12.52 12.87
CA VAL A 8 -11.21 -13.16 12.63
C VAL A 8 -10.05 -12.20 12.85
N VAL A 9 -9.03 -12.69 13.56
CA VAL A 9 -7.79 -11.94 13.75
C VAL A 9 -6.64 -12.72 13.12
N LEU A 10 -5.90 -12.03 12.24
CA LEU A 10 -4.78 -12.64 11.55
C LEU A 10 -3.46 -12.23 12.18
N VAL A 11 -2.60 -13.21 12.47
CA VAL A 11 -1.32 -12.97 13.12
C VAL A 11 -0.19 -13.46 12.21
N PRO A 12 0.69 -12.54 11.76
CA PRO A 12 1.78 -12.89 10.86
C PRO A 12 2.97 -13.56 11.54
N GLY A 13 3.85 -14.13 10.74
CA GLY A 13 5.11 -14.68 11.23
C GLY A 13 6.26 -13.69 11.10
N ASP A 14 7.47 -14.20 11.29
CA ASP A 14 8.69 -13.40 11.14
C ASP A 14 8.77 -12.88 9.71
N LEU A 15 9.17 -11.62 9.56
CA LEU A 15 9.20 -10.93 8.27
C LEU A 15 7.79 -10.77 7.66
N GLY A 16 6.75 -10.98 8.47
CA GLY A 16 5.39 -11.15 7.97
C GLY A 16 4.54 -9.90 7.87
N ASN A 17 5.05 -8.76 8.34
CA ASN A 17 4.31 -7.51 8.26
C ASN A 17 5.20 -6.31 8.04
N GLN A 18 4.64 -5.28 7.42
CA GLN A 18 5.40 -4.07 7.10
C GLN A 18 5.94 -3.40 8.37
N LEU A 19 7.04 -2.67 8.22
CA LEU A 19 7.61 -1.85 9.30
C LEU A 19 8.01 -0.49 8.73
N GLU A 20 7.88 0.55 9.56
CA GLU A 20 8.16 1.93 9.15
C GLU A 20 9.17 2.57 10.09
N ALA A 21 9.96 3.50 9.55
CA ALA A 21 10.98 4.19 10.34
C ALA A 21 11.02 5.69 10.03
N LYS A 22 11.51 6.45 11.00
CA LYS A 22 11.75 7.89 10.84
C LYS A 22 13.17 8.17 11.33
N LEU A 23 13.91 8.99 10.56
CA LEU A 23 15.32 9.22 10.83
C LEU A 23 15.64 10.65 11.22
N ASP A 24 16.48 10.78 12.24
CA ASP A 24 17.19 12.03 12.55
C ASP A 24 18.53 11.65 13.18
N LYS A 25 19.41 11.08 12.35
CA LYS A 25 20.63 10.45 12.84
C LYS A 25 21.75 11.45 13.00
N PRO A 26 22.59 11.26 14.03
CA PRO A 26 23.76 12.13 14.21
C PRO A 26 24.83 11.88 13.14
N THR A 27 25.04 10.62 12.78
CA THR A 27 25.98 10.24 11.73
C THR A 27 25.58 8.90 11.12
N VAL A 28 26.18 8.58 9.97
CA VAL A 28 25.91 7.34 9.25
C VAL A 28 27.20 6.69 8.80
N VAL A 29 27.09 5.46 8.30
CA VAL A 29 28.25 4.69 7.86
C VAL A 29 28.85 5.15 6.53
N HIS A 30 28.01 5.71 5.65
CA HIS A 30 28.48 6.22 4.35
C HIS A 30 27.80 7.54 4.04
N TYR A 31 28.49 8.38 3.27
CA TYR A 31 27.98 9.70 2.91
C TYR A 31 26.66 9.66 2.16
N LEU A 32 26.45 8.61 1.37
CA LEU A 32 25.22 8.50 0.59
C LEU A 32 24.01 8.03 1.41
N CYS A 33 24.21 7.70 2.69
CA CYS A 33 23.08 7.36 3.57
C CYS A 33 22.38 8.63 4.06
N SER A 34 21.05 8.59 4.11
CA SER A 34 20.26 9.72 4.59
C SER A 34 20.38 9.87 6.09
N LYS A 35 20.61 11.10 6.53
CA LYS A 35 20.64 11.44 7.95
C LYS A 35 19.24 11.63 8.50
N LYS A 36 18.38 12.24 7.68
CA LYS A 36 17.07 12.65 8.12
C LYS A 36 16.01 12.31 7.09
N THR A 37 14.84 11.92 7.59
CA THR A 37 13.65 11.81 6.76
C THR A 37 12.59 12.78 7.28
N GLU A 38 11.78 13.32 6.38
CA GLU A 38 10.73 14.26 6.75
C GLU A 38 9.55 13.59 7.45
N SER A 39 9.35 12.30 7.17
CA SER A 39 8.25 11.54 7.74
C SER A 39 8.67 10.09 7.92
N TYR A 40 7.76 9.26 8.41
CA TYR A 40 7.99 7.82 8.45
C TYR A 40 7.97 7.25 7.03
N PHE A 41 8.81 6.25 6.78
CA PHE A 41 8.90 5.61 5.47
C PHE A 41 9.02 4.11 5.66
N THR A 42 8.72 3.36 4.61
CA THR A 42 8.70 1.90 4.66
C THR A 42 10.13 1.36 4.70
N ILE A 43 10.49 0.72 5.81
CA ILE A 43 11.81 0.07 5.93
C ILE A 43 11.74 -1.40 5.52
N TRP A 44 10.60 -2.04 5.79
CA TRP A 44 10.34 -3.42 5.37
C TRP A 44 8.92 -3.52 4.83
N LEU A 45 8.73 -4.03 3.60
CA LEU A 45 9.79 -4.45 2.68
C LEU A 45 10.01 -3.37 1.62
N ASN A 46 11.27 -2.96 1.45
CA ASN A 46 11.63 -2.06 0.37
C ASN A 46 12.83 -2.61 -0.37
N LEU A 47 12.60 -3.09 -1.58
CA LEU A 47 13.65 -3.76 -2.36
C LEU A 47 14.76 -2.82 -2.77
N GLU A 48 14.44 -1.54 -2.95
CA GLU A 48 15.45 -0.56 -3.35
C GLU A 48 16.52 -0.35 -2.28
N LEU A 49 16.19 -0.62 -1.02
CA LEU A 49 17.13 -0.45 0.08
C LEU A 49 18.05 -1.65 0.28
N LEU A 50 17.77 -2.75 -0.43
CA LEU A 50 18.49 -4.01 -0.25
C LEU A 50 19.54 -4.28 -1.34
N LEU A 51 19.76 -3.31 -2.22
CA LEU A 51 20.78 -3.43 -3.24
C LEU A 51 22.17 -3.24 -2.59
N PRO A 52 23.23 -3.75 -3.25
CA PRO A 52 24.58 -3.48 -2.77
C PRO A 52 24.84 -2.00 -2.48
N VAL A 53 25.72 -1.75 -1.50
CA VAL A 53 26.06 -0.42 -1.02
C VAL A 53 24.95 0.20 -0.17
N ILE A 54 23.78 0.41 -0.76
CA ILE A 54 22.64 0.98 -0.06
C ILE A 54 22.27 0.10 1.14
N ILE A 55 22.49 -1.20 1.00
CA ILE A 55 22.27 -2.15 2.08
C ILE A 55 22.92 -1.74 3.40
N ASP A 56 24.08 -1.11 3.34
CA ASP A 56 24.77 -0.73 4.58
C ASP A 56 23.97 0.30 5.37
N CYS A 57 23.35 1.24 4.65
CA CYS A 57 22.49 2.25 5.29
C CYS A 57 21.28 1.59 5.93
N TRP A 58 20.67 0.67 5.20
CA TRP A 58 19.49 -0.07 5.66
C TRP A 58 19.80 -0.87 6.93
N ILE A 59 20.89 -1.63 6.89
CA ILE A 59 21.34 -2.41 8.05
C ILE A 59 21.55 -1.49 9.25
N ASP A 60 22.19 -0.35 9.01
CA ASP A 60 22.48 0.61 10.08
C ASP A 60 21.20 1.11 10.77
N ASN A 61 20.10 1.16 10.03
CA ASN A 61 18.82 1.64 10.55
C ASN A 61 17.95 0.53 11.18
N ILE A 62 17.96 -0.64 10.55
CA ILE A 62 17.05 -1.74 10.95
C ILE A 62 17.61 -2.65 12.05
N ARG A 63 18.93 -2.66 12.20
CA ARG A 63 19.56 -3.45 13.26
C ARG A 63 19.07 -3.00 14.64
N LEU A 64 18.99 -3.96 15.56
CA LEU A 64 18.73 -3.67 16.97
C LEU A 64 20.04 -3.62 17.72
N VAL A 65 20.14 -2.68 18.67
CA VAL A 65 21.34 -2.53 19.48
C VAL A 65 21.09 -3.22 20.82
N TYR A 66 21.92 -4.19 21.16
CA TYR A 66 21.76 -4.93 22.40
C TYR A 66 22.53 -4.27 23.53
N ASN A 67 21.83 -3.93 24.60
CA ASN A 67 22.44 -3.37 25.80
C ASN A 67 22.67 -4.53 26.78
N LYS A 68 23.93 -4.92 26.95
CA LYS A 68 24.30 -6.08 27.78
C LYS A 68 23.98 -5.89 29.26
N THR A 69 24.05 -4.64 29.74
CA THR A 69 23.78 -4.35 31.15
C THR A 69 22.29 -4.46 31.46
N SER A 70 21.45 -3.84 30.63
CA SER A 70 20.00 -3.90 30.84
C SER A 70 19.36 -5.18 30.27
N ARG A 71 20.11 -5.95 29.48
CA ARG A 71 19.59 -7.16 28.83
C ARG A 71 18.33 -6.81 28.00
N ALA A 72 18.44 -5.75 27.19
CA ALA A 72 17.32 -5.29 26.37
C ALA A 72 17.85 -4.61 25.12
N THR A 73 17.02 -4.56 24.07
CA THR A 73 17.41 -3.93 22.82
C THR A 73 16.98 -2.48 22.77
N GLN A 74 17.68 -1.71 21.95
CA GLN A 74 17.33 -0.31 21.68
C GLN A 74 17.44 -0.10 20.18
N PHE A 75 16.79 0.94 19.68
CA PHE A 75 16.97 1.32 18.28
C PHE A 75 18.29 2.09 18.16
N PRO A 76 18.88 2.10 16.96
CA PRO A 76 20.07 2.94 16.75
C PRO A 76 19.79 4.41 17.05
N ASP A 77 20.84 5.17 17.37
CA ASP A 77 20.65 6.57 17.71
C ASP A 77 20.00 7.33 16.54
N GLY A 78 18.98 8.11 16.86
CA GLY A 78 18.25 8.90 15.87
C GLY A 78 17.28 8.14 14.99
N VAL A 79 17.02 6.88 15.32
CA VAL A 79 16.14 6.04 14.50
C VAL A 79 14.93 5.64 15.33
N ASP A 80 13.75 5.80 14.76
CA ASP A 80 12.51 5.37 15.41
C ASP A 80 11.75 4.44 14.48
N VAL A 81 11.11 3.43 15.04
CA VAL A 81 10.43 2.41 14.24
C VAL A 81 9.02 2.18 14.79
N ARG A 82 8.05 2.08 13.89
CA ARG A 82 6.68 1.75 14.28
C ARG A 82 6.09 0.66 13.39
N VAL A 83 5.08 -0.03 13.93
CA VAL A 83 4.38 -1.08 13.22
C VAL A 83 3.06 -0.50 12.72
N PRO A 84 2.94 -0.29 11.40
CA PRO A 84 1.71 0.27 10.87
C PRO A 84 0.67 -0.82 10.67
N GLY A 85 -0.59 -0.41 10.54
CA GLY A 85 -1.67 -1.30 10.13
C GLY A 85 -2.25 -2.22 11.19
N PHE A 86 -2.05 -1.91 12.47
CA PHE A 86 -2.69 -2.69 13.53
C PHE A 86 -4.20 -2.50 13.45
N GLY A 87 -4.93 -3.61 13.43
CA GLY A 87 -6.38 -3.57 13.27
C GLY A 87 -6.83 -3.53 11.83
N LYS A 88 -5.88 -3.38 10.91
CA LYS A 88 -6.14 -3.43 9.48
C LYS A 88 -5.41 -4.65 8.92
N THR A 89 -5.41 -4.82 7.61
CA THR A 89 -4.79 -5.99 7.01
C THR A 89 -3.77 -5.70 5.93
N PHE A 90 -3.66 -4.44 5.48
CA PHE A 90 -2.77 -4.13 4.36
C PHE A 90 -1.30 -4.53 4.61
N SER A 91 -0.85 -4.40 5.86
CA SER A 91 0.55 -4.67 6.21
C SER A 91 0.90 -6.16 6.22
N LEU A 92 -0.13 -7.00 6.33
CA LEU A 92 -0.02 -8.46 6.27
C LEU A 92 -0.25 -8.99 4.83
N GLU A 93 -1.09 -8.31 4.06
CA GLU A 93 -1.45 -8.79 2.73
C GLU A 93 -0.29 -8.64 1.74
N PHE A 94 0.39 -7.51 1.80
CA PHE A 94 1.52 -7.20 0.90
C PHE A 94 2.71 -6.67 1.72
N LEU A 95 3.89 -7.24 1.48
CA LEU A 95 5.06 -6.83 2.27
C LEU A 95 5.67 -5.54 1.76
N ASP A 96 5.67 -5.37 0.44
CA ASP A 96 6.23 -4.14 -0.15
C ASP A 96 5.09 -3.44 -0.86
N PRO A 97 4.55 -2.37 -0.26
CA PRO A 97 3.29 -1.80 -0.75
C PRO A 97 3.33 -1.30 -2.18
N SER A 98 4.47 -0.75 -2.58
CA SER A 98 4.64 -0.29 -3.95
C SER A 98 4.79 -1.47 -4.90
N LYS A 99 5.35 -2.56 -4.37
CA LYS A 99 5.78 -3.65 -5.22
C LYS A 99 4.74 -4.72 -4.99
N SER A 100 3.65 -4.59 -5.72
CA SER A 100 2.49 -5.49 -5.59
C SER A 100 2.81 -6.99 -5.63
N SER A 101 2.87 -7.60 -6.81
CA SER A 101 2.84 -9.06 -6.99
C SER A 101 3.84 -9.81 -6.12
N VAL A 102 5.07 -9.32 -6.17
CA VAL A 102 6.18 -10.03 -5.56
C VAL A 102 6.03 -10.15 -4.04
N GLY A 103 5.33 -9.23 -3.40
CA GLY A 103 5.20 -9.22 -1.94
C GLY A 103 3.92 -9.81 -1.37
N SER A 104 3.16 -10.55 -2.18
CA SER A 104 1.88 -11.10 -1.70
C SER A 104 2.06 -12.17 -0.61
N TYR A 105 1.41 -11.95 0.53
CA TYR A 105 1.53 -12.85 1.69
C TYR A 105 0.15 -13.33 2.16
N PHE A 106 -0.57 -12.53 2.94
CA PHE A 106 -1.92 -12.89 3.40
C PHE A 106 -3.03 -12.53 2.40
N HIS A 107 -2.68 -11.83 1.32
CA HIS A 107 -3.67 -11.32 0.37
C HIS A 107 -4.72 -12.33 -0.09
N THR A 108 -4.27 -13.49 -0.53
CA THR A 108 -5.18 -14.49 -1.07
C THR A 108 -6.18 -14.95 -0.03
N MET A 109 -5.73 -15.20 1.19
CA MET A 109 -6.62 -15.64 2.26
C MET A 109 -7.66 -14.58 2.57
N VAL A 110 -7.22 -13.32 2.65
CA VAL A 110 -8.11 -12.22 2.98
C VAL A 110 -9.15 -12.03 1.86
N GLU A 111 -8.70 -12.10 0.62
CA GLU A 111 -9.63 -12.00 -0.50
C GLU A 111 -10.71 -13.06 -0.45
N SER A 112 -10.33 -14.28 -0.07
CA SER A 112 -11.29 -15.37 0.09
C SER A 112 -12.30 -15.07 1.20
N LEU A 113 -11.81 -14.61 2.34
CA LEU A 113 -12.68 -14.22 3.46
C LEU A 113 -13.68 -13.15 3.04
N VAL A 114 -13.21 -12.14 2.31
CA VAL A 114 -14.08 -11.09 1.78
C VAL A 114 -15.13 -11.68 0.84
N GLY A 115 -14.71 -12.60 -0.02
CA GLY A 115 -15.64 -13.32 -0.88
C GLY A 115 -16.75 -14.05 -0.12
N TRP A 116 -16.43 -14.50 1.09
CA TRP A 116 -17.42 -15.17 1.95
C TRP A 116 -18.21 -14.20 2.84
N GLY A 117 -17.99 -12.89 2.67
CA GLY A 117 -18.82 -11.88 3.33
C GLY A 117 -18.15 -11.04 4.41
N TYR A 118 -16.84 -11.21 4.60
CA TYR A 118 -16.10 -10.42 5.57
C TYR A 118 -15.76 -9.05 5.00
N THR A 119 -15.34 -8.14 5.89
CA THR A 119 -15.02 -6.76 5.54
C THR A 119 -13.71 -6.32 6.18
N ARG A 120 -12.82 -5.75 5.38
CA ARG A 120 -11.49 -5.34 5.85
C ARG A 120 -11.58 -4.34 6.99
N GLY A 121 -10.85 -4.60 8.07
CA GLY A 121 -10.81 -3.69 9.22
C GLY A 121 -12.01 -3.80 10.14
N GLU A 122 -12.96 -4.68 9.78
CA GLU A 122 -14.20 -4.84 10.53
C GLU A 122 -14.29 -6.26 11.06
N ASP A 123 -14.79 -7.18 10.26
CA ASP A 123 -14.93 -8.60 10.66
C ASP A 123 -13.57 -9.29 10.73
N VAL A 124 -12.67 -8.87 9.84
CA VAL A 124 -11.31 -9.38 9.80
C VAL A 124 -10.32 -8.25 10.04
N ARG A 125 -9.41 -8.47 11.00
CA ARG A 125 -8.38 -7.50 11.35
C ARG A 125 -7.05 -8.18 11.57
N GLY A 126 -5.97 -7.49 11.24
CA GLY A 126 -4.62 -7.99 11.45
C GLY A 126 -4.03 -7.56 12.77
N ALA A 127 -3.11 -8.39 13.28
CA ALA A 127 -2.37 -8.09 14.51
C ALA A 127 -0.86 -8.14 14.22
N PRO A 128 -0.36 -7.20 13.41
CA PRO A 128 1.09 -7.13 13.17
C PRO A 128 1.86 -6.63 14.39
N TYR A 129 3.15 -6.96 14.44
CA TYR A 129 4.01 -6.60 15.57
C TYR A 129 5.45 -6.43 15.11
N ASP A 130 6.30 -5.96 16.01
CA ASP A 130 7.73 -5.85 15.75
C ASP A 130 8.35 -7.25 15.89
N TRP A 131 8.37 -7.97 14.77
CA TRP A 131 8.84 -9.35 14.73
C TRP A 131 10.35 -9.50 14.91
N ARG A 132 11.08 -8.39 14.97
CA ARG A 132 12.52 -8.41 15.28
C ARG A 132 12.75 -8.81 16.74
N ARG A 133 11.77 -8.52 17.59
CA ARG A 133 11.86 -8.77 19.02
C ARG A 133 11.06 -9.98 19.46
N ALA A 134 11.27 -10.36 20.72
CA ALA A 134 10.53 -11.44 21.35
C ALA A 134 9.33 -10.86 22.08
N PRO A 135 8.38 -11.71 22.51
CA PRO A 135 7.19 -11.23 23.21
C PRO A 135 7.45 -10.35 24.44
N ASN A 136 8.58 -10.57 25.12
CA ASN A 136 8.97 -9.78 26.28
C ASN A 136 9.04 -8.27 26.01
N GLU A 137 9.35 -7.90 24.78
CA GLU A 137 9.47 -6.49 24.40
C GLU A 137 8.36 -6.03 23.46
N ASN A 138 7.22 -6.73 23.48
CA ASN A 138 6.04 -6.30 22.73
C ASN A 138 4.81 -6.34 23.63
N GLY A 139 5.01 -5.92 24.88
CA GLY A 139 3.91 -5.81 25.85
C GLY A 139 2.73 -5.00 25.33
N PRO A 140 2.99 -3.81 24.76
CA PRO A 140 1.90 -2.99 24.22
C PRO A 140 1.07 -3.69 23.16
N TYR A 141 1.73 -4.45 22.30
CA TYR A 141 1.05 -5.26 21.28
C TYR A 141 -0.01 -6.17 21.90
N PHE A 142 0.36 -6.87 22.96
CA PHE A 142 -0.55 -7.82 23.62
C PHE A 142 -1.72 -7.12 24.31
N LEU A 143 -1.49 -5.94 24.86
CA LEU A 143 -2.57 -5.13 25.44
C LEU A 143 -3.55 -4.75 24.35
N ALA A 144 -3.03 -4.27 23.23
CA ALA A 144 -3.85 -3.87 22.10
C ALA A 144 -4.61 -5.06 21.52
N LEU A 145 -3.95 -6.21 21.47
CA LEU A 145 -4.57 -7.43 20.97
C LEU A 145 -5.76 -7.83 21.85
N ARG A 146 -5.56 -7.84 23.16
CA ARG A 146 -6.64 -8.17 24.09
C ARG A 146 -7.81 -7.21 23.91
N GLU A 147 -7.52 -5.92 23.86
CA GLU A 147 -8.57 -4.92 23.69
C GLU A 147 -9.28 -5.04 22.35
N MET A 148 -8.54 -5.32 21.30
CA MET A 148 -9.13 -5.47 19.96
C MET A 148 -10.07 -6.66 19.92
N ILE A 149 -9.66 -7.77 20.53
CA ILE A 149 -10.50 -8.97 20.60
C ILE A 149 -11.80 -8.68 21.34
N GLU A 150 -11.70 -8.00 22.48
CA GLU A 150 -12.88 -7.63 23.26
C GLU A 150 -13.82 -6.73 22.45
N GLU A 151 -13.26 -5.77 21.72
CA GLU A 151 -14.05 -4.87 20.88
C GLU A 151 -14.78 -5.64 19.78
N MET A 152 -14.08 -6.55 19.12
CA MET A 152 -14.67 -7.33 18.04
C MET A 152 -15.79 -8.23 18.55
N TYR A 153 -15.59 -8.80 19.74
CA TYR A 153 -16.63 -9.62 20.39
C TYR A 153 -17.90 -8.80 20.61
N GLN A 154 -17.73 -7.58 21.12
CA GLN A 154 -18.86 -6.71 21.41
C GLN A 154 -19.55 -6.22 20.14
N LEU A 155 -18.75 -5.80 19.16
CA LEU A 155 -19.28 -5.28 17.89
C LEU A 155 -20.03 -6.35 17.09
N TYR A 156 -19.42 -7.52 16.94
CA TYR A 156 -19.94 -8.55 16.04
C TYR A 156 -20.67 -9.69 16.74
N GLY A 157 -20.76 -9.61 18.07
CA GLY A 157 -21.67 -10.46 18.83
C GLY A 157 -21.21 -11.88 19.10
N GLY A 158 -19.91 -12.15 18.95
CA GLY A 158 -19.41 -13.50 19.11
C GLY A 158 -17.90 -13.58 19.26
N PRO A 159 -17.41 -14.73 19.76
CA PRO A 159 -15.98 -14.94 19.98
C PRO A 159 -15.19 -15.02 18.69
N VAL A 160 -13.90 -14.73 18.78
CA VAL A 160 -13.04 -14.58 17.60
C VAL A 160 -12.26 -15.86 17.26
N VAL A 161 -11.95 -15.99 15.98
CA VAL A 161 -11.07 -17.06 15.51
C VAL A 161 -9.73 -16.42 15.23
N LEU A 162 -8.69 -16.93 15.88
CA LEU A 162 -7.32 -16.51 15.60
C LEU A 162 -6.74 -17.39 14.51
N VAL A 163 -6.13 -16.77 13.52
CA VAL A 163 -5.44 -17.50 12.46
C VAL A 163 -4.02 -16.98 12.46
N ALA A 164 -3.05 -17.83 12.79
CA ALA A 164 -1.66 -17.43 12.92
C ALA A 164 -0.74 -18.25 12.01
N HIS A 165 0.32 -17.63 11.53
CA HIS A 165 1.26 -18.28 10.64
C HIS A 165 2.68 -18.24 11.23
N SER A 166 3.38 -19.35 11.14
CA SER A 166 4.78 -19.45 11.58
C SER A 166 4.97 -18.92 13.01
N MET A 167 5.91 -18.00 13.20
CA MET A 167 6.20 -17.44 14.51
C MET A 167 5.00 -16.79 15.19
N GLY A 168 4.03 -16.33 14.38
CA GLY A 168 2.79 -15.79 14.92
C GLY A 168 2.14 -16.73 15.92
N ASN A 169 2.30 -18.03 15.69
CA ASN A 169 1.73 -19.04 16.58
C ASN A 169 2.38 -19.04 17.95
N MET A 170 3.70 -18.85 17.99
CA MET A 170 4.44 -18.79 19.25
C MET A 170 4.08 -17.53 20.03
N TYR A 171 3.99 -16.41 19.31
CA TYR A 171 3.53 -15.15 19.90
C TYR A 171 2.14 -15.30 20.51
N THR A 172 1.22 -15.88 19.74
CA THR A 172 -0.15 -16.01 20.20
C THR A 172 -0.27 -17.07 21.32
N LEU A 173 0.52 -18.13 21.28
CA LEU A 173 0.55 -19.10 22.39
C LEU A 173 1.00 -18.44 23.69
N TYR A 174 2.08 -17.67 23.62
CA TYR A 174 2.54 -16.89 24.76
C TYR A 174 1.39 -16.04 25.31
N PHE A 175 0.72 -15.32 24.42
CA PHE A 175 -0.44 -14.49 24.78
C PHE A 175 -1.51 -15.30 25.51
N LEU A 176 -1.95 -16.40 24.89
CA LEU A 176 -3.02 -17.25 25.43
C LEU A 176 -2.67 -17.87 26.78
N GLN A 177 -1.42 -18.31 26.91
CA GLN A 177 -0.95 -18.88 28.18
C GLN A 177 -1.08 -17.90 29.34
N ARG A 178 -1.00 -16.60 29.03
CA ARG A 178 -1.05 -15.55 30.05
C ARG A 178 -2.45 -14.98 30.33
N GLN A 179 -3.47 -15.43 29.59
CA GLN A 179 -4.84 -15.00 29.84
C GLN A 179 -5.55 -16.03 30.72
N PRO A 180 -6.40 -15.56 31.64
CA PRO A 180 -7.14 -16.52 32.46
C PRO A 180 -8.09 -17.38 31.62
N GLN A 181 -8.33 -18.60 32.09
CA GLN A 181 -9.15 -19.57 31.36
C GLN A 181 -10.53 -19.01 31.05
N ALA A 182 -11.13 -18.31 32.00
CA ALA A 182 -12.46 -17.71 31.82
C ALA A 182 -12.50 -16.74 30.63
N TRP A 183 -11.43 -15.96 30.47
CA TRP A 183 -11.35 -15.01 29.36
C TRP A 183 -11.28 -15.75 28.03
N LYS A 184 -10.42 -16.75 27.96
CA LYS A 184 -10.24 -17.52 26.72
C LYS A 184 -11.54 -18.23 26.31
N ASP A 185 -12.20 -18.81 27.30
CA ASP A 185 -13.45 -19.53 27.07
C ASP A 185 -14.53 -18.61 26.48
N LYS A 186 -14.55 -17.35 26.93
CA LYS A 186 -15.54 -16.39 26.45
C LYS A 186 -15.20 -15.81 25.07
N TYR A 187 -13.96 -15.35 24.91
CA TYR A 187 -13.59 -14.51 23.79
C TYR A 187 -12.98 -15.21 22.59
N ILE A 188 -12.46 -16.44 22.79
CA ILE A 188 -11.82 -17.17 21.71
C ILE A 188 -12.70 -18.35 21.27
N ARG A 189 -13.06 -18.33 19.99
CA ARG A 189 -13.84 -19.42 19.38
C ARG A 189 -12.90 -20.57 19.02
N ALA A 190 -11.81 -20.24 18.32
CA ALA A 190 -10.84 -21.23 17.90
C ALA A 190 -9.52 -20.58 17.55
N PHE A 191 -8.48 -21.42 17.49
CA PHE A 191 -7.13 -20.99 17.16
C PHE A 191 -6.68 -21.90 16.03
N VAL A 192 -6.52 -21.31 14.85
CA VAL A 192 -6.06 -22.01 13.66
C VAL A 192 -4.57 -21.73 13.52
N SER A 193 -3.77 -22.79 13.65
CA SER A 193 -2.31 -22.70 13.65
C SER A 193 -1.76 -23.18 12.32
N LEU A 194 -1.07 -22.29 11.60
CA LEU A 194 -0.54 -22.59 10.28
C LEU A 194 0.98 -22.61 10.28
N GLY A 195 1.57 -23.79 10.14
CA GLY A 195 3.03 -23.93 10.05
C GLY A 195 3.77 -23.44 11.29
N ALA A 196 3.27 -23.83 12.46
CA ALA A 196 3.84 -23.36 13.72
C ALA A 196 5.15 -24.08 14.07
N PRO A 197 6.23 -23.31 14.31
CA PRO A 197 7.54 -23.89 14.63
C PRO A 197 7.70 -24.20 16.10
N TRP A 198 6.85 -25.10 16.61
CA TRP A 198 6.88 -25.46 18.03
C TRP A 198 8.23 -26.11 18.33
N GLY A 199 8.98 -25.50 19.25
CA GLY A 199 10.30 -26.00 19.63
C GLY A 199 11.39 -25.68 18.63
N GLY A 200 11.22 -24.60 17.86
CA GLY A 200 12.27 -24.06 17.01
C GLY A 200 12.51 -24.84 15.73
N VAL A 201 13.45 -24.35 14.93
CA VAL A 201 13.73 -24.92 13.62
C VAL A 201 15.23 -24.96 13.34
N ALA A 202 15.63 -25.96 12.56
CA ALA A 202 17.04 -26.19 12.29
C ALA A 202 17.69 -25.05 11.52
N LYS A 203 16.94 -24.40 10.64
CA LYS A 203 17.52 -23.35 9.76
C LYS A 203 18.19 -22.19 10.52
N THR A 204 17.74 -21.96 11.74
CA THR A 204 18.29 -20.93 12.63
C THR A 204 19.81 -21.00 12.75
N LEU A 205 20.33 -22.21 12.85
CA LEU A 205 21.75 -22.40 13.05
C LEU A 205 22.55 -21.88 11.85
N ARG A 206 22.09 -22.19 10.65
CA ARG A 206 22.78 -21.77 9.44
C ARG A 206 22.75 -20.25 9.31
N VAL A 207 21.58 -19.67 9.58
CA VAL A 207 21.40 -18.23 9.51
C VAL A 207 22.41 -17.52 10.40
N LEU A 208 22.49 -17.96 11.65
CA LEU A 208 23.40 -17.34 12.63
C LEU A 208 24.86 -17.57 12.28
N ALA A 209 25.19 -18.77 11.82
CA ALA A 209 26.57 -19.11 11.52
C ALA A 209 27.08 -18.36 10.29
N SER A 210 26.41 -18.55 9.15
CA SER A 210 26.93 -18.08 7.86
C SER A 210 25.99 -17.18 7.04
N GLY A 211 24.85 -16.81 7.61
CA GLY A 211 23.87 -15.99 6.91
C GLY A 211 23.00 -16.80 5.96
N ASP A 212 21.87 -16.24 5.58
CA ASP A 212 20.89 -16.93 4.74
C ASP A 212 20.26 -15.92 3.79
N ASN A 213 20.63 -16.00 2.52
CA ASN A 213 20.16 -15.03 1.53
C ASN A 213 19.24 -15.63 0.47
N ASN A 214 18.61 -16.75 0.80
CA ASN A 214 17.71 -17.48 -0.12
C ASN A 214 16.70 -16.59 -0.81
N ARG A 215 16.22 -15.58 -0.10
CA ARG A 215 15.20 -14.69 -0.64
C ARG A 215 15.86 -13.51 -1.33
N ILE A 216 17.09 -13.18 -0.91
CA ILE A 216 17.74 -11.96 -1.33
C ILE A 216 19.07 -12.33 -1.96
N PRO A 217 19.02 -13.08 -3.08
CA PRO A 217 20.23 -13.62 -3.70
C PRO A 217 21.20 -12.57 -4.26
N VAL A 218 20.71 -11.37 -4.51
CA VAL A 218 21.55 -10.26 -4.94
C VAL A 218 22.54 -9.81 -3.86
N ILE A 219 22.25 -10.12 -2.60
CA ILE A 219 23.16 -9.75 -1.52
C ILE A 219 23.90 -10.95 -0.90
N GLY A 220 25.18 -10.71 -0.60
CA GLY A 220 26.03 -11.72 0.03
C GLY A 220 25.56 -12.16 1.40
N PRO A 221 25.68 -13.47 1.69
CA PRO A 221 25.12 -14.00 2.94
C PRO A 221 25.79 -13.43 4.18
N LEU A 222 27.09 -13.20 4.10
CA LEU A 222 27.85 -12.72 5.25
C LEU A 222 27.49 -11.27 5.61
N LYS A 223 27.04 -10.51 4.61
CA LYS A 223 26.61 -9.13 4.84
C LYS A 223 25.27 -9.11 5.56
N ILE A 224 24.29 -9.82 5.02
CA ILE A 224 22.95 -9.89 5.60
C ILE A 224 22.94 -10.54 6.99
N ARG A 225 23.89 -11.45 7.23
CA ARG A 225 24.02 -12.13 8.51
C ARG A 225 24.06 -11.15 9.68
N GLU A 226 24.71 -10.00 9.45
CA GLU A 226 24.85 -8.96 10.47
C GLU A 226 23.48 -8.52 11.01
N GLN A 227 22.55 -8.26 10.11
CA GLN A 227 21.19 -7.87 10.50
C GLN A 227 20.46 -9.02 11.17
N GLN A 228 20.57 -10.21 10.58
CA GLN A 228 19.83 -11.38 11.06
C GLN A 228 20.21 -11.72 12.50
N ARG A 229 21.49 -11.63 12.81
CA ARG A 229 21.95 -11.87 14.19
C ARG A 229 21.34 -10.90 15.20
N SER A 230 21.15 -9.65 14.77
CA SER A 230 20.67 -8.58 15.64
C SER A 230 19.23 -8.77 16.12
N ALA A 231 18.42 -9.48 15.32
CA ALA A 231 17.03 -9.75 15.68
C ALA A 231 16.91 -10.84 16.75
N VAL A 232 16.35 -10.47 17.90
CA VAL A 232 16.17 -11.40 19.02
C VAL A 232 15.35 -12.61 18.61
N SER A 233 14.36 -12.39 17.75
CA SER A 233 13.50 -13.45 17.24
C SER A 233 14.28 -14.60 16.60
N THR A 234 15.42 -14.31 16.00
CA THR A 234 16.26 -15.34 15.40
C THR A 234 16.76 -16.34 16.44
N SER A 235 17.38 -15.83 17.50
CA SER A 235 17.91 -16.66 18.57
C SER A 235 16.80 -17.38 19.35
N TRP A 236 15.64 -16.74 19.45
CA TRP A 236 14.47 -17.33 20.11
C TRP A 236 13.97 -18.60 19.42
N LEU A 237 14.19 -18.71 18.11
CA LEU A 237 13.73 -19.86 17.33
C LEU A 237 14.74 -21.01 17.20
N LEU A 238 15.85 -20.96 17.93
CA LEU A 238 16.76 -22.10 17.98
C LEU A 238 16.03 -23.31 18.56
N PRO A 239 16.39 -24.53 18.09
CA PRO A 239 15.78 -25.77 18.58
C PRO A 239 15.71 -25.91 20.10
N TYR A 240 14.58 -26.43 20.59
CA TYR A 240 14.37 -26.67 22.03
C TYR A 240 14.34 -28.18 22.33
N ASN A 241 14.78 -28.53 23.54
CA ASN A 241 15.00 -29.94 23.92
C ASN A 241 13.76 -30.80 24.13
N TYR A 242 12.62 -30.15 24.27
CA TYR A 242 11.37 -30.88 24.47
C TYR A 242 10.80 -31.41 23.14
N THR A 243 11.25 -30.84 22.03
CA THR A 243 10.81 -31.28 20.68
C THR A 243 11.90 -32.07 19.97
N TRP A 244 13.13 -31.58 20.04
CA TRP A 244 14.28 -32.25 19.45
C TRP A 244 15.00 -33.09 20.50
N SER A 245 15.73 -34.09 20.05
CA SER A 245 16.49 -34.95 20.95
C SER A 245 17.62 -34.13 21.59
N PRO A 246 17.80 -34.26 22.93
CA PRO A 246 18.90 -33.53 23.58
C PRO A 246 20.30 -33.85 23.03
N GLU A 247 20.44 -35.02 22.42
CA GLU A 247 21.72 -35.48 21.89
C GLU A 247 21.85 -35.28 20.37
N LYS A 248 20.85 -34.68 19.73
CA LYS A 248 20.86 -34.54 18.27
C LYS A 248 21.93 -33.55 17.83
N VAL A 249 22.77 -33.97 16.88
CA VAL A 249 23.82 -33.12 16.33
C VAL A 249 23.23 -32.32 15.16
N PHE A 250 23.26 -31.00 15.28
CA PHE A 250 22.72 -30.12 14.24
C PHE A 250 23.81 -29.62 13.31
N VAL A 251 24.99 -29.33 13.87
CA VAL A 251 26.08 -28.75 13.10
C VAL A 251 27.38 -29.49 13.35
N GLN A 252 28.02 -29.92 12.27
CA GLN A 252 29.34 -30.53 12.31
C GLN A 252 30.35 -29.63 11.62
N THR A 253 31.51 -29.46 12.24
CA THR A 253 32.61 -28.68 11.66
C THR A 253 33.85 -29.57 11.69
N PRO A 254 34.98 -29.10 11.12
CA PRO A 254 36.17 -29.96 11.12
C PRO A 254 36.70 -30.31 12.51
N THR A 255 36.43 -29.45 13.49
CA THR A 255 36.97 -29.61 14.84
C THR A 255 35.97 -30.08 15.90
N ILE A 256 34.70 -29.71 15.74
CA ILE A 256 33.73 -29.92 16.82
C ILE A 256 32.29 -30.12 16.30
N ASN A 257 31.46 -30.74 17.14
CA ASN A 257 30.03 -30.85 16.91
C ASN A 257 29.26 -29.79 17.69
N TYR A 258 28.00 -29.59 17.32
CA TYR A 258 27.11 -28.73 18.08
C TYR A 258 25.72 -29.37 18.18
N THR A 259 25.33 -29.65 19.42
CA THR A 259 23.96 -30.04 19.77
C THR A 259 23.27 -28.83 20.41
N LEU A 260 21.99 -28.99 20.71
CA LEU A 260 21.24 -27.93 21.39
C LEU A 260 21.76 -27.57 22.78
N ARG A 261 22.58 -28.44 23.36
CA ARG A 261 23.22 -28.16 24.64
C ARG A 261 24.55 -27.41 24.51
N ASP A 262 24.95 -27.10 23.27
CA ASP A 262 26.25 -26.46 23.01
C ASP A 262 26.11 -25.02 22.46
N TYR A 263 25.00 -24.36 22.77
CA TYR A 263 24.75 -23.02 22.25
C TYR A 263 25.77 -21.99 22.75
N ARG A 264 26.22 -22.11 24.00
CA ARG A 264 27.20 -21.17 24.52
C ARG A 264 28.49 -21.23 23.70
N LYS A 265 28.98 -22.44 23.44
CA LYS A 265 30.15 -22.67 22.57
C LYS A 265 29.94 -22.08 21.18
N PHE A 266 28.77 -22.37 20.60
CA PHE A 266 28.42 -21.89 19.28
C PHE A 266 28.56 -20.38 19.18
N PHE A 267 27.91 -19.67 20.11
CA PHE A 267 27.92 -18.21 20.08
C PHE A 267 29.32 -17.63 20.28
N GLN A 268 30.09 -18.24 21.17
CA GLN A 268 31.47 -17.82 21.39
C GLN A 268 32.30 -18.07 20.14
N ASP A 269 32.13 -19.24 19.53
CA ASP A 269 32.95 -19.65 18.38
C ASP A 269 32.68 -18.86 17.10
N ILE A 270 31.43 -18.42 16.91
CA ILE A 270 31.08 -17.62 15.74
C ILE A 270 31.26 -16.12 15.96
N GLY A 271 31.64 -15.74 17.18
CA GLY A 271 31.95 -14.34 17.49
C GLY A 271 30.71 -13.47 17.70
N PHE A 272 29.71 -14.01 18.37
CA PHE A 272 28.49 -13.27 18.68
C PHE A 272 27.99 -13.63 20.06
N GLU A 273 28.71 -13.17 21.08
CA GLU A 273 28.36 -13.45 22.48
C GLU A 273 26.99 -12.90 22.88
N ASP A 274 26.58 -11.80 22.25
CA ASP A 274 25.26 -11.20 22.49
C ASP A 274 24.14 -12.20 22.27
N GLY A 275 24.31 -13.06 21.27
CA GLY A 275 23.29 -14.04 20.94
C GLY A 275 23.01 -15.03 22.05
N TRP A 276 24.05 -15.40 22.80
CA TRP A 276 23.91 -16.29 23.95
C TRP A 276 23.05 -15.62 25.02
N LEU A 277 23.31 -14.33 25.23
CA LEU A 277 22.56 -13.54 26.20
C LEU A 277 21.09 -13.44 25.75
N MET A 278 20.88 -13.21 24.46
CA MET A 278 19.54 -13.20 23.87
C MET A 278 18.79 -14.51 24.11
N ARG A 279 19.47 -15.63 23.87
CA ARG A 279 18.88 -16.96 24.06
C ARG A 279 18.51 -17.18 25.52
N GLN A 280 19.41 -16.83 26.42
CA GLN A 280 19.14 -16.94 27.85
C GLN A 280 17.93 -16.12 28.26
N ASP A 281 17.80 -14.92 27.68
CA ASP A 281 16.65 -14.04 27.96
C ASP A 281 15.32 -14.69 27.56
N THR A 282 15.31 -15.40 26.45
CA THR A 282 14.07 -15.76 25.78
C THR A 282 13.63 -17.22 25.83
N GLU A 283 14.57 -18.15 26.11
CA GLU A 283 14.26 -19.58 26.02
C GLU A 283 13.19 -20.04 27.03
N GLY A 284 13.04 -19.30 28.13
CA GLY A 284 12.07 -19.65 29.15
C GLY A 284 10.71 -18.95 29.05
N LEU A 285 10.51 -18.13 28.02
CA LEU A 285 9.30 -17.31 27.92
C LEU A 285 8.02 -18.12 27.83
N VAL A 286 8.01 -19.09 26.92
CA VAL A 286 6.83 -19.93 26.71
C VAL A 286 7.00 -21.23 27.48
N GLU A 287 6.03 -21.54 28.36
CA GLU A 287 6.05 -22.83 29.08
C GLU A 287 5.83 -23.97 28.10
N ALA A 288 6.83 -24.83 27.97
CA ALA A 288 6.86 -25.87 26.93
C ALA A 288 5.62 -26.77 26.90
N THR A 289 5.15 -27.15 28.08
CA THR A 289 4.10 -28.17 28.22
C THR A 289 2.67 -27.64 28.34
N MET A 290 2.50 -26.38 28.76
CA MET A 290 1.18 -25.80 28.95
C MET A 290 0.47 -25.56 27.62
N PRO A 291 -0.70 -26.22 27.40
CA PRO A 291 -1.44 -25.98 26.16
C PRO A 291 -2.12 -24.62 26.16
N PRO A 292 -2.55 -24.14 24.98
CA PRO A 292 -3.23 -22.84 24.93
C PRO A 292 -4.59 -22.83 25.63
N GLY A 293 -5.23 -23.99 25.74
CA GLY A 293 -6.50 -24.10 26.47
C GLY A 293 -7.70 -23.66 25.67
N VAL A 294 -7.59 -23.73 24.34
CA VAL A 294 -8.70 -23.39 23.43
C VAL A 294 -8.76 -24.39 22.28
N GLN A 295 -9.88 -24.40 21.56
CA GLN A 295 -10.05 -25.29 20.42
C GLN A 295 -8.95 -24.97 19.40
N LEU A 296 -8.18 -25.99 19.04
CA LEU A 296 -6.97 -25.82 18.26
C LEU A 296 -7.01 -26.66 17.00
N HIS A 297 -6.67 -26.03 15.88
CA HIS A 297 -6.51 -26.73 14.61
C HIS A 297 -5.08 -26.54 14.15
N CYS A 298 -4.30 -27.61 14.18
CA CYS A 298 -2.88 -27.54 13.80
C CYS A 298 -2.65 -28.04 12.39
N LEU A 299 -2.37 -27.10 11.50
CA LEU A 299 -2.08 -27.41 10.09
C LEU A 299 -0.59 -27.35 9.85
N TYR A 300 -0.04 -28.41 9.25
CA TYR A 300 1.38 -28.49 8.97
C TYR A 300 1.64 -29.02 7.57
N GLY A 301 2.61 -28.43 6.88
CA GLY A 301 3.02 -28.88 5.54
C GLY A 301 4.03 -30.00 5.62
N THR A 302 3.95 -30.94 4.68
CA THR A 302 4.87 -32.07 4.60
C THR A 302 5.28 -32.31 3.15
N GLY A 303 6.28 -33.17 2.97
CA GLY A 303 6.75 -33.58 1.65
C GLY A 303 7.65 -32.57 0.97
N VAL A 304 8.16 -31.61 1.72
CA VAL A 304 9.03 -30.56 1.18
C VAL A 304 10.39 -30.65 1.86
N PRO A 305 11.47 -30.73 1.06
CA PRO A 305 12.79 -30.85 1.69
C PRO A 305 13.06 -29.68 2.62
N THR A 306 13.37 -29.96 3.88
CA THR A 306 13.59 -28.94 4.89
C THR A 306 14.96 -29.15 5.54
N PRO A 307 15.77 -28.07 5.66
CA PRO A 307 17.11 -28.25 6.27
C PRO A 307 17.03 -28.90 7.64
N ASP A 308 17.83 -29.94 7.84
CA ASP A 308 17.83 -30.76 9.07
C ASP A 308 19.13 -30.61 9.86
N SER A 309 20.26 -30.71 9.16
CA SER A 309 21.58 -30.55 9.78
C SER A 309 22.58 -30.01 8.76
N PHE A 310 23.72 -29.52 9.25
CA PHE A 310 24.69 -28.82 8.42
C PHE A 310 26.11 -29.29 8.66
N TYR A 311 26.87 -29.40 7.57
CA TYR A 311 28.31 -29.62 7.67
C TYR A 311 29.05 -28.38 7.16
N TYR A 312 29.91 -27.83 8.01
CA TYR A 312 30.75 -26.70 7.65
C TYR A 312 32.17 -27.17 7.34
N GLU A 313 32.60 -26.93 6.10
CA GLU A 313 33.98 -27.20 5.69
C GLU A 313 34.90 -26.17 6.34
N SER A 314 34.41 -24.94 6.43
CA SER A 314 35.10 -23.86 7.12
C SER A 314 34.09 -23.04 7.92
N PHE A 315 34.43 -22.80 9.19
CA PHE A 315 33.50 -22.22 10.14
C PHE A 315 33.97 -20.81 10.52
N PRO A 316 33.10 -19.80 10.49
CA PRO A 316 31.72 -19.89 10.00
C PRO A 316 31.48 -19.05 8.73
N ASP A 317 32.56 -18.70 8.02
CA ASP A 317 32.48 -17.75 6.90
C ASP A 317 32.26 -18.39 5.52
N ARG A 318 32.10 -19.71 5.50
CA ARG A 318 31.91 -20.45 4.25
C ARG A 318 30.56 -21.15 4.33
N ASP A 319 29.79 -21.14 3.23
CA ASP A 319 28.47 -21.73 3.23
C ASP A 319 28.54 -23.24 3.43
N PRO A 320 27.60 -23.80 4.21
CA PRO A 320 27.68 -25.22 4.57
C PRO A 320 26.96 -26.13 3.58
N LYS A 321 27.25 -27.42 3.70
CA LYS A 321 26.50 -28.44 2.97
C LYS A 321 25.30 -28.77 3.85
N ILE A 322 24.16 -29.03 3.22
CA ILE A 322 22.90 -29.16 3.96
C ILE A 322 22.31 -30.56 3.79
N CYS A 323 21.94 -31.17 4.90
CA CYS A 323 21.17 -32.42 4.91
C CYS A 323 19.71 -32.08 5.16
N PHE A 324 18.82 -32.71 4.41
CA PHE A 324 17.40 -32.36 4.44
C PHE A 324 16.53 -33.43 5.10
N GLY A 325 15.51 -32.97 5.81
CA GLY A 325 14.48 -33.83 6.38
C GLY A 325 13.11 -33.38 5.92
N ASP A 326 12.07 -33.84 6.60
CA ASP A 326 10.70 -33.54 6.20
C ASP A 326 10.19 -32.27 6.86
N GLY A 327 9.16 -31.69 6.23
CA GLY A 327 8.57 -30.44 6.70
C GLY A 327 7.96 -29.68 5.54
N ASP A 328 7.91 -28.37 5.67
CA ASP A 328 7.30 -27.49 4.65
C ASP A 328 8.32 -26.62 3.90
N GLY A 329 9.61 -26.93 4.06
CA GLY A 329 10.67 -26.15 3.44
C GLY A 329 11.40 -25.26 4.44
N THR A 330 10.71 -24.89 5.51
CA THR A 330 11.28 -24.04 6.54
C THR A 330 11.11 -24.70 7.92
N VAL A 331 9.86 -24.97 8.29
CA VAL A 331 9.55 -25.60 9.58
C VAL A 331 9.65 -27.12 9.50
N ASN A 332 10.44 -27.68 10.41
CA ASN A 332 10.68 -29.11 10.42
C ASN A 332 9.44 -29.83 10.87
N LEU A 333 9.18 -30.98 10.26
CA LEU A 333 8.06 -31.83 10.63
C LEU A 333 8.02 -32.11 12.14
N LYS A 334 9.20 -32.31 12.74
CA LYS A 334 9.28 -32.64 14.16
C LYS A 334 8.60 -31.63 15.07
N SER A 335 8.39 -30.40 14.58
CA SER A 335 7.64 -29.38 15.30
C SER A 335 6.20 -29.79 15.61
N ALA A 336 5.57 -30.53 14.70
CA ALA A 336 4.16 -30.94 14.86
C ALA A 336 3.91 -31.95 16.00
N LEU A 337 4.98 -32.43 16.64
CA LEU A 337 4.86 -33.31 17.80
C LEU A 337 4.16 -32.65 18.98
N GLN A 338 4.36 -31.34 19.15
CA GLN A 338 3.80 -30.61 20.28
C GLN A 338 2.27 -30.64 20.26
N CYS A 339 1.70 -30.45 19.07
CA CYS A 339 0.26 -30.57 18.88
C CYS A 339 -0.20 -31.99 19.23
N GLN A 340 0.59 -32.95 18.76
CA GLN A 340 0.36 -34.36 19.06
C GLN A 340 0.34 -34.56 20.57
N ALA A 341 1.32 -33.99 21.26
CA ALA A 341 1.42 -34.11 22.71
C ALA A 341 0.24 -33.45 23.43
N TRP A 342 -0.23 -32.32 22.90
CA TRP A 342 -1.38 -31.62 23.50
C TRP A 342 -2.69 -32.40 23.34
N GLN A 343 -2.80 -33.17 22.26
CA GLN A 343 -3.99 -33.98 21.99
C GLN A 343 -4.33 -34.91 23.16
N SER A 344 -3.32 -35.46 23.82
CA SER A 344 -3.54 -36.39 24.92
C SER A 344 -3.86 -35.70 26.25
N ARG A 345 -3.73 -34.37 26.29
CA ARG A 345 -3.93 -33.61 27.51
C ARG A 345 -5.13 -32.69 27.29
N GLN A 346 -6.22 -33.25 26.77
CA GLN A 346 -7.24 -32.47 26.12
C GLN A 346 -8.46 -32.28 26.98
N GLU A 347 -8.71 -31.05 27.39
CA GLU A 347 -10.05 -30.62 27.72
C GLU A 347 -10.65 -30.13 26.41
N HIS A 348 -10.05 -29.08 25.86
CA HIS A 348 -10.51 -28.55 24.59
C HIS A 348 -10.06 -29.43 23.44
N GLN A 349 -10.81 -29.38 22.34
CA GLN A 349 -10.49 -30.19 21.15
C GLN A 349 -9.19 -29.76 20.48
N VAL A 350 -8.45 -30.74 19.95
CA VAL A 350 -7.21 -30.49 19.21
C VAL A 350 -7.28 -31.30 17.93
N LEU A 351 -7.34 -30.63 16.78
CA LEU A 351 -7.43 -31.31 15.50
C LEU A 351 -6.13 -31.11 14.73
N LEU A 352 -5.53 -32.21 14.25
CA LEU A 352 -4.31 -32.14 13.46
C LEU A 352 -4.64 -32.33 11.99
N GLN A 353 -3.98 -31.57 11.13
CA GLN A 353 -4.24 -31.65 9.70
C GLN A 353 -2.96 -31.55 8.87
N GLU A 354 -2.60 -32.65 8.23
CA GLU A 354 -1.45 -32.67 7.31
C GLU A 354 -1.80 -31.97 6.00
N LEU A 355 -0.81 -31.28 5.44
CA LEU A 355 -0.95 -30.61 4.14
C LEU A 355 0.17 -31.09 3.21
N PRO A 356 -0.03 -32.26 2.58
CA PRO A 356 1.05 -32.85 1.81
C PRO A 356 1.40 -32.04 0.56
N GLY A 357 2.68 -31.72 0.40
CA GLY A 357 3.17 -30.99 -0.76
C GLY A 357 2.95 -29.48 -0.69
N SER A 358 2.52 -28.97 0.47
CA SER A 358 2.30 -27.55 0.62
C SER A 358 3.53 -26.88 1.26
N GLU A 359 4.08 -25.89 0.54
CA GLU A 359 5.22 -25.13 1.03
C GLU A 359 4.81 -24.17 2.14
N HIS A 360 5.77 -23.84 2.99
CA HIS A 360 5.58 -23.02 4.18
C HIS A 360 4.75 -21.73 3.95
N ILE A 361 5.08 -20.98 2.90
CA ILE A 361 4.36 -19.74 2.59
C ILE A 361 3.14 -20.02 1.71
N GLU A 362 3.30 -20.91 0.73
CA GLU A 362 2.22 -21.23 -0.21
C GLU A 362 0.96 -21.73 0.48
N MET A 363 1.11 -22.33 1.66
CA MET A 363 -0.04 -22.85 2.39
C MET A 363 -1.08 -21.77 2.69
N LEU A 364 -0.64 -20.52 2.82
CA LEU A 364 -1.54 -19.40 3.12
C LEU A 364 -2.49 -19.02 1.99
N ALA A 365 -2.15 -19.41 0.77
CA ALA A 365 -2.97 -19.13 -0.41
C ALA A 365 -3.48 -20.42 -1.05
N ASN A 366 -3.34 -21.54 -0.34
CA ASN A 366 -3.71 -22.83 -0.88
C ASN A 366 -5.19 -23.11 -0.69
N ALA A 367 -5.83 -23.61 -1.74
CA ALA A 367 -7.28 -23.87 -1.74
C ALA A 367 -7.72 -24.84 -0.66
N THR A 368 -6.88 -25.83 -0.36
CA THR A 368 -7.19 -26.79 0.70
C THR A 368 -7.16 -26.12 2.07
N THR A 369 -6.20 -25.23 2.29
CA THR A 369 -6.12 -24.47 3.53
C THR A 369 -7.38 -23.61 3.71
N LEU A 370 -7.78 -22.95 2.63
CA LEU A 370 -8.96 -22.08 2.65
C LEU A 370 -10.25 -22.88 2.87
N ALA A 371 -10.32 -24.06 2.27
CA ALA A 371 -11.47 -24.94 2.46
C ALA A 371 -11.60 -25.38 3.93
N TYR A 372 -10.47 -25.64 4.57
CA TYR A 372 -10.48 -26.01 5.99
C TYR A 372 -10.94 -24.83 6.84
N LEU A 373 -10.43 -23.64 6.53
CA LEU A 373 -10.85 -22.43 7.22
C LEU A 373 -12.36 -22.21 7.11
N LYS A 374 -12.89 -22.40 5.91
CA LYS A 374 -14.34 -22.35 5.67
C LYS A 374 -15.12 -23.23 6.65
N ARG A 375 -14.65 -24.46 6.82
CA ARG A 375 -15.18 -25.44 7.78
C ARG A 375 -15.25 -24.89 9.21
N VAL A 376 -14.15 -24.29 9.63
CA VAL A 376 -14.05 -23.75 10.97
C VAL A 376 -15.01 -22.59 11.17
N LEU A 377 -15.08 -21.69 10.19
CA LEU A 377 -15.87 -20.47 10.30
C LEU A 377 -17.37 -20.67 10.13
N LEU A 378 -17.75 -21.46 9.13
CA LEU A 378 -19.16 -21.62 8.78
C LEU A 378 -19.79 -22.89 9.36
N GLY A 379 -18.97 -23.86 9.76
CA GLY A 379 -19.46 -25.06 10.44
C GLY A 379 -19.58 -24.84 11.92
N ARG B 4 -18.33 -14.42 -19.53
CA ARG B 4 -17.66 -13.56 -20.55
C ARG B 4 -17.69 -12.09 -20.13
N HIS B 5 -16.56 -11.59 -19.63
CA HIS B 5 -16.43 -10.19 -19.22
C HIS B 5 -15.16 -9.57 -19.80
N PRO B 6 -15.28 -8.37 -20.40
CA PRO B 6 -14.10 -7.80 -21.04
C PRO B 6 -13.11 -7.16 -20.07
N PRO B 7 -11.84 -7.03 -20.47
CA PRO B 7 -10.83 -6.36 -19.64
C PRO B 7 -11.14 -4.89 -19.38
N VAL B 8 -10.66 -4.39 -18.23
CA VAL B 8 -10.98 -3.03 -17.80
C VAL B 8 -9.74 -2.24 -17.42
N VAL B 9 -9.68 -1.00 -17.88
CA VAL B 9 -8.63 -0.07 -17.51
C VAL B 9 -9.23 1.12 -16.77
N LEU B 10 -8.70 1.38 -15.58
CA LEU B 10 -9.19 2.47 -14.73
C LEU B 10 -8.26 3.68 -14.83
N VAL B 11 -8.85 4.85 -15.07
CA VAL B 11 -8.10 6.10 -15.23
C VAL B 11 -8.54 7.09 -14.16
N PRO B 12 -7.61 7.50 -13.27
CA PRO B 12 -7.94 8.43 -12.19
C PRO B 12 -8.03 9.89 -12.63
N GLY B 13 -8.57 10.73 -11.75
CA GLY B 13 -8.59 12.17 -11.95
C GLY B 13 -7.43 12.86 -11.27
N ASP B 14 -7.52 14.18 -11.19
CA ASP B 14 -6.52 14.99 -10.49
C ASP B 14 -6.48 14.58 -9.02
N LEU B 15 -5.26 14.49 -8.46
CA LEU B 15 -5.03 14.00 -7.10
C LEU B 15 -5.44 12.53 -6.93
N GLY B 16 -5.65 11.83 -8.04
CA GLY B 16 -6.32 10.54 -8.03
C GLY B 16 -5.43 9.31 -7.90
N ASN B 17 -4.12 9.51 -7.91
CA ASN B 17 -3.19 8.39 -7.77
C ASN B 17 -1.94 8.76 -7.01
N GLN B 18 -1.33 7.77 -6.38
CA GLN B 18 -0.14 7.98 -5.58
C GLN B 18 1.02 8.52 -6.42
N LEU B 19 1.93 9.25 -5.78
CA LEU B 19 3.16 9.74 -6.41
C LEU B 19 4.33 9.54 -5.46
N GLU B 20 5.51 9.23 -6.02
CA GLU B 20 6.70 8.95 -5.24
C GLU B 20 7.84 9.86 -5.65
N ALA B 21 8.73 10.16 -4.71
CA ALA B 21 9.87 11.03 -4.97
C ALA B 21 11.15 10.51 -4.33
N LYS B 22 12.29 10.90 -4.90
CA LYS B 22 13.61 10.59 -4.35
C LYS B 22 14.39 11.91 -4.30
N LEU B 23 15.09 12.15 -3.19
CA LEU B 23 15.75 13.43 -2.95
C LEU B 23 17.27 13.33 -2.89
N ASP B 24 17.93 14.28 -3.55
CA ASP B 24 19.35 14.57 -3.31
C ASP B 24 19.54 16.07 -3.58
N LYS B 25 19.00 16.88 -2.68
CA LYS B 25 18.87 18.31 -2.90
C LYS B 25 20.13 19.06 -2.46
N PRO B 26 20.49 20.10 -3.20
CA PRO B 26 21.64 20.92 -2.81
C PRO B 26 21.37 21.75 -1.55
N THR B 27 20.15 22.28 -1.44
CA THR B 27 19.72 23.04 -0.26
C THR B 27 18.21 23.00 -0.14
N VAL B 28 17.72 23.40 1.03
CA VAL B 28 16.29 23.40 1.33
C VAL B 28 15.88 24.72 1.97
N VAL B 29 14.58 24.91 2.13
CA VAL B 29 14.04 26.14 2.71
C VAL B 29 14.20 26.23 4.23
N HIS B 30 14.21 25.09 4.92
CA HIS B 30 14.39 25.04 6.38
C HIS B 30 15.31 23.90 6.76
N TYR B 31 16.02 24.06 7.87
CA TYR B 31 16.98 23.06 8.36
C TYR B 31 16.34 21.70 8.62
N LEU B 32 15.08 21.71 9.04
CA LEU B 32 14.39 20.45 9.36
C LEU B 32 13.90 19.69 8.12
N CYS B 33 14.07 20.27 6.93
CA CYS B 33 13.73 19.55 5.69
C CYS B 33 14.86 18.59 5.30
N SER B 34 14.50 17.41 4.84
CA SER B 34 15.47 16.40 4.42
C SER B 34 16.14 16.79 3.11
N LYS B 35 17.47 16.69 3.08
CA LYS B 35 18.26 16.92 1.85
C LYS B 35 18.24 15.69 0.95
N LYS B 36 18.32 14.52 1.59
CA LYS B 36 18.51 13.28 0.88
C LYS B 36 17.58 12.20 1.42
N THR B 37 17.08 11.36 0.52
CA THR B 37 16.40 10.13 0.90
C THR B 37 17.19 8.95 0.31
N GLU B 38 17.17 7.82 1.01
CA GLU B 38 17.88 6.62 0.57
C GLU B 38 17.18 5.93 -0.59
N SER B 39 15.87 6.11 -0.67
CA SER B 39 15.07 5.49 -1.71
C SER B 39 13.90 6.41 -2.07
N TYR B 40 13.06 5.96 -3.00
CA TYR B 40 11.81 6.65 -3.29
C TYR B 40 10.85 6.53 -2.11
N PHE B 41 10.07 7.59 -1.86
CA PHE B 41 9.10 7.59 -0.77
C PHE B 41 7.82 8.23 -1.26
N THR B 42 6.73 7.98 -0.54
CA THR B 42 5.41 8.47 -0.93
C THR B 42 5.30 9.97 -0.67
N ILE B 43 5.14 10.76 -1.74
CA ILE B 43 4.94 12.21 -1.60
C ILE B 43 3.44 12.56 -1.58
N TRP B 44 2.65 11.78 -2.32
CA TRP B 44 1.20 11.92 -2.32
C TRP B 44 0.56 10.54 -2.28
N LEU B 45 -0.34 10.27 -1.33
CA LEU B 45 -0.74 11.17 -0.25
C LEU B 45 -0.02 10.80 1.05
N ASN B 46 0.62 11.77 1.68
CA ASN B 46 1.20 11.57 3.01
C ASN B 46 0.78 12.70 3.92
N LEU B 47 -0.10 12.39 4.87
CA LEU B 47 -0.69 13.39 5.75
C LEU B 47 0.33 14.01 6.68
N GLU B 48 1.36 13.26 7.04
CA GLU B 48 2.39 13.78 7.94
C GLU B 48 3.19 14.93 7.32
N LEU B 49 3.25 14.98 6.00
CA LEU B 49 4.00 16.01 5.30
C LEU B 49 3.20 17.30 5.12
N LEU B 50 1.91 17.26 5.43
CA LEU B 50 1.01 18.39 5.19
C LEU B 50 0.69 19.21 6.44
N LEU B 51 1.35 18.90 7.54
CA LEU B 51 1.18 19.65 8.77
C LEU B 51 1.91 20.99 8.64
N PRO B 52 1.51 21.99 9.45
CA PRO B 52 2.25 23.25 9.48
C PRO B 52 3.77 23.05 9.64
N VAL B 53 4.54 23.98 9.07
CA VAL B 53 6.01 23.96 9.04
C VAL B 53 6.57 22.91 8.06
N ILE B 54 6.23 21.64 8.30
CA ILE B 54 6.67 20.55 7.43
C ILE B 54 6.16 20.77 6.01
N ILE B 55 4.98 21.39 5.90
CA ILE B 55 4.39 21.73 4.60
C ILE B 55 5.35 22.46 3.67
N ASP B 56 6.20 23.32 4.23
CA ASP B 56 7.13 24.08 3.39
C ASP B 56 8.12 23.17 2.67
N CYS B 57 8.59 22.12 3.35
CA CYS B 57 9.48 21.14 2.73
C CYS B 57 8.76 20.39 1.62
N TRP B 58 7.53 19.98 1.90
CA TRP B 58 6.70 19.26 0.93
C TRP B 58 6.45 20.08 -0.32
N ILE B 59 6.03 21.33 -0.13
CA ILE B 59 5.81 22.26 -1.25
C ILE B 59 7.08 22.40 -2.08
N ASP B 60 8.21 22.55 -1.39
CA ASP B 60 9.49 22.73 -2.07
C ASP B 60 9.84 21.54 -2.99
N ASN B 61 9.37 20.35 -2.62
CA ASN B 61 9.64 19.12 -3.38
C ASN B 61 8.59 18.84 -4.48
N ILE B 62 7.33 19.11 -4.18
CA ILE B 62 6.23 18.73 -5.07
C ILE B 62 5.88 19.78 -6.13
N ARG B 63 6.26 21.03 -5.88
CA ARG B 63 6.04 22.10 -6.84
C ARG B 63 6.75 21.80 -8.15
N LEU B 64 6.15 22.25 -9.25
CA LEU B 64 6.80 22.21 -10.56
C LEU B 64 7.43 23.57 -10.85
N VAL B 65 8.60 23.55 -11.47
CA VAL B 65 9.30 24.78 -11.83
C VAL B 65 9.04 25.06 -13.30
N TYR B 66 8.47 26.23 -13.60
CA TYR B 66 8.13 26.59 -14.97
C TYR B 66 9.30 27.32 -15.63
N ASN B 67 9.76 26.79 -16.75
CA ASN B 67 10.80 27.42 -17.55
C ASN B 67 10.12 28.22 -18.66
N LYS B 68 10.15 29.56 -18.53
CA LYS B 68 9.45 30.45 -19.46
C LYS B 68 10.01 30.41 -20.88
N THR B 69 11.30 30.16 -21.01
CA THR B 69 11.95 30.11 -22.33
C THR B 69 11.56 28.85 -23.08
N SER B 70 11.65 27.70 -22.43
CA SER B 70 11.28 26.43 -23.07
C SER B 70 9.77 26.15 -23.02
N ARG B 71 9.02 26.93 -22.25
CA ARG B 71 7.58 26.69 -22.08
C ARG B 71 7.31 25.27 -21.61
N ALA B 72 8.04 24.84 -20.58
CA ALA B 72 7.92 23.49 -20.05
C ALA B 72 8.27 23.48 -18.58
N THR B 73 7.78 22.48 -17.85
CA THR B 73 8.06 22.36 -16.43
C THR B 73 9.26 21.47 -16.18
N GLN B 74 9.89 21.67 -15.03
CA GLN B 74 10.98 20.83 -14.56
C GLN B 74 10.73 20.53 -13.08
N PHE B 75 11.36 19.48 -12.57
CA PHE B 75 11.31 19.21 -11.14
C PHE B 75 12.32 20.13 -10.46
N PRO B 76 12.11 20.41 -9.16
CA PRO B 76 13.10 21.17 -8.42
C PRO B 76 14.47 20.49 -8.44
N ASP B 77 15.54 21.27 -8.24
CA ASP B 77 16.88 20.71 -8.29
C ASP B 77 17.03 19.60 -7.24
N GLY B 78 17.58 18.47 -7.66
CA GLY B 78 17.80 17.33 -6.78
C GLY B 78 16.57 16.50 -6.42
N VAL B 79 15.45 16.75 -7.11
CA VAL B 79 14.21 16.05 -6.82
C VAL B 79 13.79 15.25 -8.04
N ASP B 80 13.45 13.98 -7.83
CA ASP B 80 12.94 13.15 -8.91
C ASP B 80 11.61 12.54 -8.50
N VAL B 81 10.69 12.42 -9.45
CA VAL B 81 9.33 11.96 -9.16
C VAL B 81 8.92 10.87 -10.13
N ARG B 82 8.30 9.81 -9.62
CA ARG B 82 7.78 8.74 -10.47
C ARG B 82 6.35 8.37 -10.07
N VAL B 83 5.63 7.79 -11.03
CA VAL B 83 4.26 7.35 -10.83
C VAL B 83 4.28 5.84 -10.64
N PRO B 84 4.03 5.38 -9.40
CA PRO B 84 4.05 3.95 -9.16
C PRO B 84 2.72 3.31 -9.53
N GLY B 85 2.75 2.00 -9.69
CA GLY B 85 1.52 1.22 -9.84
C GLY B 85 0.87 1.22 -11.21
N PHE B 86 1.61 1.58 -12.26
CA PHE B 86 1.07 1.49 -13.61
C PHE B 86 0.82 0.02 -13.95
N GLY B 87 -0.39 -0.29 -14.41
CA GLY B 87 -0.78 -1.67 -14.68
C GLY B 87 -1.31 -2.41 -13.46
N LYS B 88 -1.23 -1.78 -12.29
CA LYS B 88 -1.78 -2.31 -11.06
C LYS B 88 -2.89 -1.35 -10.61
N THR B 89 -3.46 -1.59 -9.44
CA THR B 89 -4.56 -0.75 -8.97
C THR B 89 -4.37 -0.15 -7.59
N PHE B 90 -3.35 -0.56 -6.86
CA PHE B 90 -3.18 -0.09 -5.49
C PHE B 90 -3.08 1.44 -5.38
N SER B 91 -2.45 2.08 -6.36
CA SER B 91 -2.23 3.53 -6.34
C SER B 91 -3.49 4.36 -6.60
N LEU B 92 -4.49 3.72 -7.20
CA LEU B 92 -5.82 4.31 -7.44
C LEU B 92 -6.82 3.98 -6.31
N GLU B 93 -6.66 2.80 -5.70
CA GLU B 93 -7.61 2.35 -4.68
C GLU B 93 -7.49 3.15 -3.40
N PHE B 94 -6.26 3.41 -2.98
CA PHE B 94 -5.96 4.15 -1.74
C PHE B 94 -4.92 5.23 -2.00
N LEU B 95 -5.20 6.45 -1.56
CA LEU B 95 -4.28 7.56 -1.84
C LEU B 95 -3.10 7.57 -0.89
N ASP B 96 -3.35 7.23 0.37
CA ASP B 96 -2.27 7.21 1.35
C ASP B 96 -2.15 5.77 1.84
N PRO B 97 -1.12 5.04 1.37
CA PRO B 97 -1.09 3.60 1.57
C PRO B 97 -1.06 3.16 3.03
N SER B 98 -0.39 3.93 3.87
CA SER B 98 -0.36 3.64 5.30
C SER B 98 -1.72 3.95 5.92
N LYS B 99 -2.39 4.94 5.36
CA LYS B 99 -3.55 5.52 6.02
C LYS B 99 -4.72 4.98 5.25
N SER B 100 -5.11 3.78 5.62
CA SER B 100 -6.19 3.05 4.94
C SER B 100 -7.50 3.85 4.72
N SER B 101 -8.41 3.86 5.71
CA SER B 101 -9.80 4.28 5.53
C SER B 101 -9.95 5.64 4.84
N VAL B 102 -9.20 6.57 5.39
CA VAL B 102 -9.34 7.98 5.00
C VAL B 102 -9.02 8.22 3.53
N GLY B 103 -8.16 7.39 2.93
CA GLY B 103 -7.74 7.58 1.54
C GLY B 103 -8.43 6.72 0.50
N SER B 104 -9.57 6.11 0.84
CA SER B 104 -10.26 5.24 -0.12
C SER B 104 -10.83 6.00 -1.32
N TYR B 105 -10.45 5.57 -2.52
CA TYR B 105 -10.86 6.23 -3.77
C TYR B 105 -11.53 5.22 -4.73
N PHE B 106 -10.73 4.47 -5.49
CA PHE B 106 -11.26 3.45 -6.41
C PHE B 106 -11.53 2.09 -5.72
N HIS B 107 -11.16 1.96 -4.45
CA HIS B 107 -11.25 0.67 -3.76
C HIS B 107 -12.59 -0.05 -3.89
N THR B 108 -13.67 0.67 -3.63
CA THR B 108 -14.99 0.06 -3.63
C THR B 108 -15.35 -0.50 -5.00
N MET B 109 -15.07 0.27 -6.06
CA MET B 109 -15.35 -0.18 -7.42
C MET B 109 -14.55 -1.43 -7.77
N VAL B 110 -13.27 -1.41 -7.42
CA VAL B 110 -12.40 -2.54 -7.73
C VAL B 110 -12.84 -3.79 -6.95
N GLU B 111 -13.19 -3.62 -5.69
CA GLU B 111 -13.69 -4.75 -4.90
C GLU B 111 -14.93 -5.37 -5.52
N SER B 112 -15.82 -4.53 -6.05
CA SER B 112 -17.01 -5.02 -6.74
C SER B 112 -16.64 -5.81 -8.01
N LEU B 113 -15.72 -5.27 -8.80
CA LEU B 113 -15.24 -5.97 -9.99
C LEU B 113 -14.67 -7.34 -9.66
N VAL B 114 -13.86 -7.39 -8.60
CA VAL B 114 -13.29 -8.65 -8.12
C VAL B 114 -14.40 -9.63 -7.71
N GLY B 115 -15.41 -9.12 -7.01
CA GLY B 115 -16.58 -9.92 -6.66
C GLY B 115 -17.29 -10.52 -7.86
N TRP B 116 -17.22 -9.83 -9.00
CA TRP B 116 -17.82 -10.33 -10.24
C TRP B 116 -16.87 -11.21 -11.06
N GLY B 117 -15.67 -11.47 -10.55
CA GLY B 117 -14.75 -12.42 -11.18
C GLY B 117 -13.47 -11.85 -11.77
N TYR B 118 -13.23 -10.55 -11.59
CA TYR B 118 -12.00 -9.92 -12.08
C TYR B 118 -10.84 -10.19 -11.13
N THR B 119 -9.63 -9.92 -11.62
CA THR B 119 -8.39 -10.17 -10.86
C THR B 119 -7.45 -8.97 -10.96
N ARG B 120 -6.95 -8.51 -9.81
CA ARG B 120 -6.08 -7.33 -9.76
C ARG B 120 -4.82 -7.52 -10.60
N GLY B 121 -4.53 -6.53 -11.45
CA GLY B 121 -3.32 -6.56 -12.28
C GLY B 121 -3.45 -7.43 -13.51
N GLU B 122 -4.60 -8.09 -13.67
CA GLU B 122 -4.83 -9.00 -14.77
C GLU B 122 -5.98 -8.50 -15.63
N ASP B 123 -7.21 -8.83 -15.26
CA ASP B 123 -8.40 -8.39 -16.00
C ASP B 123 -8.66 -6.89 -15.82
N VAL B 124 -8.32 -6.39 -14.63
CA VAL B 124 -8.45 -4.99 -14.30
C VAL B 124 -7.08 -4.40 -13.95
N ARG B 125 -6.75 -3.30 -14.62
CA ARG B 125 -5.49 -2.61 -14.41
C ARG B 125 -5.69 -1.10 -14.38
N GLY B 126 -4.89 -0.41 -13.58
CA GLY B 126 -4.94 1.04 -13.49
C GLY B 126 -3.96 1.72 -14.44
N ALA B 127 -4.32 2.95 -14.84
CA ALA B 127 -3.47 3.78 -15.67
C ALA B 127 -3.22 5.13 -14.97
N PRO B 128 -2.48 5.10 -13.85
CA PRO B 128 -2.12 6.35 -13.18
C PRO B 128 -1.09 7.16 -13.97
N TYR B 129 -1.04 8.46 -13.71
CA TYR B 129 -0.14 9.37 -14.41
C TYR B 129 0.26 10.55 -13.51
N ASP B 130 1.20 11.36 -13.99
CA ASP B 130 1.58 12.58 -13.28
C ASP B 130 0.52 13.65 -13.55
N TRP B 131 -0.49 13.67 -12.67
CA TRP B 131 -1.65 14.56 -12.82
C TRP B 131 -1.34 16.05 -12.56
N ARG B 132 -0.12 16.35 -12.13
CA ARG B 132 0.32 17.73 -12.00
C ARG B 132 0.49 18.40 -13.37
N ARG B 133 0.75 17.58 -14.39
CA ARG B 133 1.02 18.06 -15.73
C ARG B 133 -0.15 17.81 -16.66
N ALA B 134 -0.05 18.40 -17.85
CA ALA B 134 -1.04 18.22 -18.91
C ALA B 134 -0.58 17.07 -19.81
N PRO B 135 -1.47 16.58 -20.68
CA PRO B 135 -1.10 15.48 -21.59
C PRO B 135 0.15 15.69 -22.44
N ASN B 136 0.44 16.95 -22.78
CA ASN B 136 1.65 17.29 -23.56
C ASN B 136 2.94 16.80 -22.94
N GLU B 137 2.97 16.69 -21.61
CA GLU B 137 4.16 16.25 -20.89
C GLU B 137 4.00 14.87 -20.24
N ASN B 138 3.09 14.06 -20.77
CA ASN B 138 2.93 12.67 -20.34
C ASN B 138 2.88 11.74 -21.55
N GLY B 139 3.71 12.05 -22.55
CA GLY B 139 3.83 11.21 -23.75
C GLY B 139 4.09 9.75 -23.43
N PRO B 140 5.06 9.47 -22.55
CA PRO B 140 5.37 8.08 -22.18
C PRO B 140 4.18 7.33 -21.62
N TYR B 141 3.38 8.00 -20.80
CA TYR B 141 2.16 7.42 -20.25
C TYR B 141 1.25 6.88 -21.36
N PHE B 142 1.03 7.69 -22.39
CA PHE B 142 0.15 7.30 -23.49
C PHE B 142 0.70 6.13 -24.31
N LEU B 143 2.02 6.07 -24.48
CA LEU B 143 2.66 4.93 -25.14
C LEU B 143 2.42 3.66 -24.34
N ALA B 144 2.64 3.75 -23.04
CA ALA B 144 2.42 2.63 -22.12
C ALA B 144 0.96 2.20 -22.11
N LEU B 145 0.05 3.18 -22.14
CA LEU B 145 -1.38 2.91 -22.16
C LEU B 145 -1.77 2.13 -23.41
N ARG B 146 -1.31 2.60 -24.57
CA ARG B 146 -1.59 1.91 -25.83
C ARG B 146 -1.08 0.48 -25.78
N GLU B 147 0.16 0.31 -25.35
CA GLU B 147 0.76 -1.03 -25.27
C GLU B 147 0.03 -1.93 -24.27
N MET B 148 -0.38 -1.37 -23.13
CA MET B 148 -1.09 -2.14 -22.12
C MET B 148 -2.43 -2.62 -22.64
N ILE B 149 -3.14 -1.74 -23.35
CA ILE B 149 -4.43 -2.09 -23.94
C ILE B 149 -4.27 -3.23 -24.95
N GLU B 150 -3.27 -3.13 -25.81
CA GLU B 150 -2.99 -4.17 -26.79
C GLU B 150 -2.66 -5.52 -26.12
N GLU B 151 -1.87 -5.47 -25.03
CA GLU B 151 -1.52 -6.68 -24.28
C GLU B 151 -2.76 -7.33 -23.67
N MET B 152 -3.63 -6.51 -23.07
CA MET B 152 -4.83 -7.02 -22.43
C MET B 152 -5.79 -7.64 -23.46
N TYR B 153 -5.87 -7.01 -24.63
CA TYR B 153 -6.69 -7.56 -25.73
C TYR B 153 -6.20 -8.95 -26.12
N GLN B 154 -4.89 -9.11 -26.25
CA GLN B 154 -4.30 -10.38 -26.64
C GLN B 154 -4.43 -11.45 -25.56
N LEU B 155 -4.15 -11.05 -24.32
CA LEU B 155 -4.22 -11.98 -23.19
C LEU B 155 -5.65 -12.48 -22.92
N TYR B 156 -6.60 -11.55 -22.88
CA TYR B 156 -7.96 -11.87 -22.44
C TYR B 156 -8.96 -12.02 -23.57
N GLY B 157 -8.51 -11.86 -24.81
CA GLY B 157 -9.27 -12.24 -25.99
C GLY B 157 -10.37 -11.29 -26.43
N GLY B 158 -10.31 -10.04 -25.99
CA GLY B 158 -11.35 -9.09 -26.31
C GLY B 158 -10.98 -7.65 -26.02
N PRO B 159 -11.73 -6.69 -26.62
CA PRO B 159 -11.49 -5.26 -26.44
C PRO B 159 -11.78 -4.78 -25.02
N VAL B 160 -11.15 -3.67 -24.64
CA VAL B 160 -11.17 -3.18 -23.27
C VAL B 160 -12.24 -2.12 -23.02
N VAL B 161 -12.71 -2.06 -21.77
CA VAL B 161 -13.58 -0.99 -21.34
C VAL B 161 -12.75 -0.03 -20.52
N LEU B 162 -12.73 1.23 -20.92
CA LEU B 162 -12.08 2.29 -20.16
C LEU B 162 -13.09 2.89 -19.19
N VAL B 163 -12.68 3.03 -17.93
CA VAL B 163 -13.51 3.68 -16.93
C VAL B 163 -12.66 4.81 -16.37
N ALA B 164 -13.10 6.06 -16.59
CA ALA B 164 -12.32 7.23 -16.19
C ALA B 164 -13.12 8.15 -15.28
N HIS B 165 -12.43 8.82 -14.37
CA HIS B 165 -13.06 9.71 -13.42
C HIS B 165 -12.47 11.12 -13.53
N SER B 166 -13.33 12.13 -13.49
CA SER B 166 -12.93 13.53 -13.49
C SER B 166 -11.93 13.82 -14.63
N MET B 167 -10.80 14.43 -14.31
CA MET B 167 -9.78 14.79 -15.30
C MET B 167 -9.30 13.61 -16.12
N GLY B 168 -9.38 12.40 -15.58
CA GLY B 168 -9.03 11.19 -16.32
C GLY B 168 -9.75 11.11 -17.66
N ASN B 169 -10.97 11.65 -17.71
CA ASN B 169 -11.75 11.66 -18.93
C ASN B 169 -11.14 12.54 -20.01
N MET B 170 -10.62 13.69 -19.61
CA MET B 170 -9.97 14.63 -20.53
C MET B 170 -8.66 14.04 -21.07
N TYR B 171 -7.89 13.44 -20.18
CA TYR B 171 -6.68 12.72 -20.55
C TYR B 171 -6.98 11.62 -21.57
N THR B 172 -7.99 10.81 -21.26
CA THR B 172 -8.31 9.68 -22.14
C THR B 172 -8.96 10.15 -23.46
N LEU B 173 -9.75 11.24 -23.44
CA LEU B 173 -10.27 11.82 -24.68
C LEU B 173 -9.13 12.28 -25.60
N TYR B 174 -8.17 13.01 -25.02
CA TYR B 174 -6.97 13.41 -25.76
C TYR B 174 -6.31 12.19 -26.41
N PHE B 175 -6.12 11.14 -25.61
CA PHE B 175 -5.56 9.88 -26.09
C PHE B 175 -6.33 9.32 -27.27
N LEU B 176 -7.63 9.16 -27.09
CA LEU B 176 -8.52 8.58 -28.11
C LEU B 176 -8.57 9.40 -29.40
N GLN B 177 -8.61 10.72 -29.26
CA GLN B 177 -8.61 11.61 -30.42
C GLN B 177 -7.36 11.40 -31.29
N ARG B 178 -6.27 10.98 -30.68
CA ARG B 178 -5.00 10.79 -31.38
C ARG B 178 -4.76 9.38 -31.93
N GLN B 179 -5.66 8.45 -31.66
CA GLN B 179 -5.54 7.10 -32.20
C GLN B 179 -6.38 6.96 -33.46
N PRO B 180 -5.87 6.23 -34.47
CA PRO B 180 -6.67 6.04 -35.67
C PRO B 180 -7.96 5.28 -35.39
N GLN B 181 -8.98 5.56 -36.19
CA GLN B 181 -10.31 4.98 -35.99
C GLN B 181 -10.26 3.44 -35.98
N ALA B 182 -9.46 2.86 -36.87
CA ALA B 182 -9.33 1.41 -36.96
C ALA B 182 -8.84 0.80 -35.65
N TRP B 183 -7.90 1.48 -34.99
CA TRP B 183 -7.37 1.01 -33.72
C TRP B 183 -8.44 1.04 -32.64
N LYS B 184 -9.17 2.15 -32.55
CA LYS B 184 -10.22 2.30 -31.55
C LYS B 184 -11.32 1.27 -31.72
N ASP B 185 -11.71 1.05 -32.98
CA ASP B 185 -12.76 0.10 -33.32
C ASP B 185 -12.39 -1.32 -32.87
N LYS B 186 -11.12 -1.67 -32.99
CA LYS B 186 -10.64 -3.00 -32.62
C LYS B 186 -10.46 -3.17 -31.11
N TYR B 187 -9.78 -2.22 -30.49
CA TYR B 187 -9.27 -2.41 -29.13
C TYR B 187 -10.13 -1.87 -28.00
N ILE B 188 -11.05 -0.94 -28.32
CA ILE B 188 -11.91 -0.33 -27.31
C ILE B 188 -13.34 -0.84 -27.44
N ARG B 189 -13.84 -1.47 -26.37
CA ARG B 189 -15.22 -1.94 -26.30
C ARG B 189 -16.14 -0.78 -25.94
N ALA B 190 -15.77 -0.04 -24.89
CA ALA B 190 -16.58 1.10 -24.46
C ALA B 190 -15.74 2.03 -23.59
N PHE B 191 -16.24 3.25 -23.42
CA PHE B 191 -15.62 4.28 -22.60
C PHE B 191 -16.70 4.76 -21.64
N VAL B 192 -16.49 4.46 -20.36
CA VAL B 192 -17.39 4.87 -19.30
C VAL B 192 -16.80 6.13 -18.66
N SER B 193 -17.52 7.23 -18.78
CA SER B 193 -17.05 8.53 -18.33
C SER B 193 -17.78 8.93 -17.05
N LEU B 194 -17.02 9.11 -15.97
CA LEU B 194 -17.58 9.42 -14.66
C LEU B 194 -17.20 10.82 -14.21
N GLY B 195 -18.18 11.74 -14.19
CA GLY B 195 -17.96 13.10 -13.70
C GLY B 195 -16.93 13.88 -14.50
N ALA B 196 -17.03 13.80 -15.82
CA ALA B 196 -16.05 14.43 -16.71
C ALA B 196 -16.26 15.94 -16.80
N PRO B 197 -15.21 16.74 -16.51
CA PRO B 197 -15.29 18.19 -16.54
C PRO B 197 -15.06 18.77 -17.95
N TRP B 198 -15.93 18.40 -18.88
CA TRP B 198 -15.80 18.85 -20.26
C TRP B 198 -15.94 20.37 -20.29
N GLY B 199 -14.91 21.05 -20.77
CA GLY B 199 -14.90 22.51 -20.83
C GLY B 199 -14.65 23.19 -19.49
N GLY B 200 -13.97 22.49 -18.59
CA GLY B 200 -13.47 23.11 -17.36
C GLY B 200 -14.52 23.31 -16.28
N VAL B 201 -14.08 23.83 -15.14
CA VAL B 201 -14.96 24.01 -13.99
C VAL B 201 -14.70 25.33 -13.27
N ALA B 202 -15.76 25.87 -12.68
CA ALA B 202 -15.69 27.18 -12.05
C ALA B 202 -14.71 27.24 -10.89
N LYS B 203 -14.59 26.13 -10.13
CA LYS B 203 -13.77 26.12 -8.91
C LYS B 203 -12.30 26.51 -9.13
N THR B 204 -11.81 26.28 -10.34
CA THR B 204 -10.46 26.64 -10.76
C THR B 204 -10.08 28.09 -10.42
N LEU B 205 -11.02 29.00 -10.64
CA LEU B 205 -10.77 30.42 -10.43
C LEU B 205 -10.47 30.72 -8.97
N ARG B 206 -11.25 30.12 -8.07
CA ARG B 206 -11.06 30.35 -6.64
C ARG B 206 -9.73 29.78 -6.18
N VAL B 207 -9.42 28.58 -6.64
CA VAL B 207 -8.17 27.92 -6.29
C VAL B 207 -6.98 28.82 -6.64
N LEU B 208 -6.95 29.30 -7.88
CA LEU B 208 -5.85 30.14 -8.37
C LEU B 208 -5.78 31.48 -7.66
N ALA B 209 -6.95 32.09 -7.41
CA ALA B 209 -7.00 33.40 -6.79
C ALA B 209 -6.58 33.36 -5.32
N SER B 210 -7.28 32.55 -4.52
CA SER B 210 -7.13 32.59 -3.06
C SER B 210 -6.81 31.25 -2.38
N GLY B 211 -6.59 30.20 -3.16
CA GLY B 211 -6.30 28.88 -2.61
C GLY B 211 -7.57 28.15 -2.20
N ASP B 212 -7.47 26.83 -2.06
CA ASP B 212 -8.62 25.98 -1.76
C ASP B 212 -8.16 24.85 -0.83
N ASN B 213 -8.52 24.95 0.45
CA ASN B 213 -8.06 23.98 1.45
C ASN B 213 -9.18 23.11 1.99
N ASN B 214 -10.27 22.97 1.23
CA ASN B 214 -11.46 22.19 1.64
C ASN B 214 -11.12 20.81 2.19
N ARG B 215 -10.10 20.20 1.62
CA ARG B 215 -9.71 18.85 2.01
C ARG B 215 -8.69 18.92 3.14
N ILE B 216 -7.95 20.01 3.20
CA ILE B 216 -6.79 20.12 4.08
C ILE B 216 -6.99 21.33 4.97
N PRO B 217 -8.04 21.29 5.81
CA PRO B 217 -8.42 22.45 6.63
C PRO B 217 -7.40 22.88 7.68
N VAL B 218 -6.49 21.96 8.05
CA VAL B 218 -5.41 22.28 8.97
C VAL B 218 -4.39 23.26 8.38
N ILE B 219 -4.36 23.37 7.05
CA ILE B 219 -3.45 24.31 6.41
C ILE B 219 -4.14 25.53 5.78
N GLY B 220 -3.52 26.68 5.95
CA GLY B 220 -4.02 27.94 5.40
C GLY B 220 -4.12 27.94 3.88
N PRO B 221 -5.20 28.55 3.35
CA PRO B 221 -5.41 28.49 1.90
C PRO B 221 -4.33 29.19 1.10
N LEU B 222 -3.80 30.29 1.62
CA LEU B 222 -2.81 31.08 0.88
C LEU B 222 -1.47 30.35 0.79
N LYS B 223 -1.21 29.46 1.75
CA LYS B 223 0.02 28.66 1.73
C LYS B 223 -0.08 27.57 0.67
N ILE B 224 -1.16 26.80 0.71
CA ILE B 224 -1.38 25.72 -0.27
C ILE B 224 -1.53 26.23 -1.70
N ARG B 225 -2.05 27.44 -1.84
CA ARG B 225 -2.23 28.08 -3.15
C ARG B 225 -0.95 28.04 -3.98
N GLU B 226 0.18 28.21 -3.31
CA GLU B 226 1.49 28.20 -3.96
C GLU B 226 1.72 26.92 -4.78
N GLN B 227 1.44 25.78 -4.16
CA GLN B 227 1.56 24.49 -4.85
C GLN B 227 0.53 24.34 -5.95
N GLN B 228 -0.70 24.72 -5.66
CA GLN B 228 -1.81 24.54 -6.59
C GLN B 228 -1.58 25.30 -7.88
N ARG B 229 -1.06 26.52 -7.77
CA ARG B 229 -0.73 27.32 -8.95
C ARG B 229 0.32 26.66 -9.85
N SER B 230 1.28 25.98 -9.21
CA SER B 230 2.41 25.36 -9.91
C SER B 230 2.01 24.20 -10.84
N ALA B 231 0.90 23.54 -10.52
CA ALA B 231 0.40 22.42 -11.32
C ALA B 231 -0.29 22.90 -12.60
N VAL B 232 0.27 22.52 -13.73
CA VAL B 232 -0.27 22.90 -15.05
C VAL B 232 -1.72 22.47 -15.19
N SER B 233 -2.04 21.30 -14.65
CA SER B 233 -3.39 20.75 -14.70
C SER B 233 -4.45 21.71 -14.15
N THR B 234 -4.07 22.54 -13.18
CA THR B 234 -4.99 23.52 -12.61
C THR B 234 -5.45 24.54 -13.66
N SER B 235 -4.49 25.16 -14.32
CA SER B 235 -4.77 26.15 -15.36
C SER B 235 -5.46 25.54 -16.58
N TRP B 236 -5.14 24.29 -16.88
CA TRP B 236 -5.77 23.55 -17.97
C TRP B 236 -7.28 23.37 -17.79
N LEU B 237 -7.73 23.33 -16.54
CA LEU B 237 -9.15 23.11 -16.22
C LEU B 237 -9.98 24.39 -16.05
N LEU B 238 -9.42 25.55 -16.39
CA LEU B 238 -10.21 26.78 -16.43
C LEU B 238 -11.32 26.64 -17.47
N PRO B 239 -12.49 27.28 -17.23
CA PRO B 239 -13.63 27.25 -18.16
C PRO B 239 -13.28 27.55 -19.61
N TYR B 240 -13.90 26.81 -20.53
CA TYR B 240 -13.71 26.99 -21.97
C TYR B 240 -15.00 27.54 -22.61
N ASN B 241 -14.83 28.32 -23.68
CA ASN B 241 -15.93 29.07 -24.29
C ASN B 241 -16.96 28.25 -25.07
N TYR B 242 -16.62 27.02 -25.40
CA TYR B 242 -17.55 26.17 -26.13
C TYR B 242 -18.60 25.53 -25.21
N THR B 243 -18.32 25.51 -23.91
CA THR B 243 -19.25 24.97 -22.91
C THR B 243 -19.93 26.08 -22.11
N TRP B 244 -19.14 27.06 -21.68
CA TRP B 244 -19.64 28.21 -20.94
C TRP B 244 -19.90 29.37 -21.88
N SER B 245 -20.78 30.29 -21.48
CA SER B 245 -21.08 31.46 -22.29
C SER B 245 -19.84 32.36 -22.35
N PRO B 246 -19.48 32.85 -23.55
CA PRO B 246 -18.34 33.76 -23.65
C PRO B 246 -18.44 35.03 -22.79
N GLU B 247 -19.67 35.42 -22.46
CA GLU B 247 -19.95 36.64 -21.68
C GLU B 247 -20.19 36.36 -20.19
N LYS B 248 -20.10 35.11 -19.76
CA LYS B 248 -20.43 34.77 -18.39
C LYS B 248 -19.38 35.34 -17.42
N VAL B 249 -19.85 36.04 -16.40
CA VAL B 249 -18.98 36.61 -15.36
C VAL B 249 -18.76 35.56 -14.28
N PHE B 250 -17.51 35.16 -14.08
CA PHE B 250 -17.18 34.14 -13.07
C PHE B 250 -16.73 34.77 -11.76
N VAL B 251 -15.99 35.88 -11.85
CA VAL B 251 -15.42 36.52 -10.66
C VAL B 251 -15.68 38.01 -10.69
N GLN B 252 -16.26 38.51 -9.58
CA GLN B 252 -16.46 39.94 -9.38
C GLN B 252 -15.59 40.40 -8.22
N THR B 253 -14.93 41.55 -8.40
CA THR B 253 -14.11 42.17 -7.35
C THR B 253 -14.62 43.61 -7.20
N PRO B 254 -14.07 44.37 -6.22
CA PRO B 254 -14.55 45.74 -6.05
C PRO B 254 -14.29 46.65 -7.26
N THR B 255 -13.27 46.33 -8.05
CA THR B 255 -12.84 47.17 -9.18
C THR B 255 -13.20 46.64 -10.57
N ILE B 256 -13.24 45.31 -10.73
CA ILE B 256 -13.34 44.73 -12.07
C ILE B 256 -14.06 43.38 -12.07
N ASN B 257 -14.58 43.00 -13.24
CA ASN B 257 -15.11 41.67 -13.49
C ASN B 257 -14.09 40.78 -14.19
N TYR B 258 -14.36 39.48 -14.19
CA TYR B 258 -13.58 38.53 -14.96
C TYR B 258 -14.48 37.49 -15.62
N THR B 259 -14.45 37.49 -16.95
CA THR B 259 -15.05 36.44 -17.78
C THR B 259 -13.92 35.54 -18.28
N LEU B 260 -14.29 34.49 -19.00
CA LEU B 260 -13.31 33.58 -19.60
C LEU B 260 -12.40 34.24 -20.64
N ARG B 261 -12.81 35.41 -21.13
CA ARG B 261 -11.98 36.18 -22.07
C ARG B 261 -11.00 37.13 -21.36
N ASP B 262 -11.00 37.12 -20.02
CA ASP B 262 -10.15 38.05 -19.23
C ASP B 262 -9.05 37.33 -18.44
N TYR B 263 -8.64 36.14 -18.90
CA TYR B 263 -7.64 35.35 -18.19
C TYR B 263 -6.29 36.06 -18.09
N ARG B 264 -5.89 36.78 -19.14
CA ARG B 264 -4.61 37.48 -19.11
C ARG B 264 -4.58 38.51 -17.98
N LYS B 265 -5.64 39.31 -17.88
CA LYS B 265 -5.83 40.26 -16.77
C LYS B 265 -5.78 39.57 -15.42
N PHE B 266 -6.52 38.47 -15.30
CA PHE B 266 -6.60 37.71 -14.06
C PHE B 266 -5.22 37.30 -13.57
N PHE B 267 -4.45 36.67 -14.46
CA PHE B 267 -3.12 36.18 -14.10
C PHE B 267 -2.17 37.31 -13.73
N GLN B 268 -2.24 38.42 -14.46
CA GLN B 268 -1.44 39.59 -14.14
C GLN B 268 -1.84 40.18 -12.79
N ASP B 269 -3.15 40.28 -12.55
CA ASP B 269 -3.67 40.92 -11.34
C ASP B 269 -3.43 40.13 -10.06
N ILE B 270 -3.41 38.80 -10.15
CA ILE B 270 -3.14 37.95 -8.99
C ILE B 270 -1.65 37.67 -8.78
N GLY B 271 -0.82 38.15 -9.69
CA GLY B 271 0.63 38.03 -9.58
C GLY B 271 1.18 36.66 -9.94
N PHE B 272 0.63 36.07 -10.99
CA PHE B 272 1.09 34.76 -11.46
C PHE B 272 1.07 34.72 -12.98
N GLU B 273 2.01 35.43 -13.60
CA GLU B 273 2.08 35.51 -15.06
C GLU B 273 2.36 34.16 -15.71
N ASP B 274 3.07 33.29 -14.99
CA ASP B 274 3.35 31.93 -15.47
C ASP B 274 2.07 31.17 -15.84
N GLY B 275 1.02 31.40 -15.07
CA GLY B 275 -0.25 30.73 -15.30
C GLY B 275 -0.87 31.04 -16.65
N TRP B 276 -0.70 32.28 -17.11
CA TRP B 276 -1.18 32.70 -18.43
C TRP B 276 -0.45 31.91 -19.52
N LEU B 277 0.86 31.77 -19.34
CA LEU B 277 1.69 31.01 -20.26
C LEU B 277 1.26 29.53 -20.27
N MET B 278 1.00 28.99 -19.08
CA MET B 278 0.48 27.62 -18.94
C MET B 278 -0.84 27.42 -19.69
N ARG B 279 -1.76 28.38 -19.52
CA ARG B 279 -3.05 28.31 -20.19
C ARG B 279 -2.90 28.36 -21.71
N GLN B 280 -2.06 29.27 -22.19
CA GLN B 280 -1.78 29.35 -23.61
C GLN B 280 -1.20 28.04 -24.15
N ASP B 281 -0.34 27.39 -23.37
CA ASP B 281 0.24 26.10 -23.75
C ASP B 281 -0.81 25.01 -23.92
N THR B 282 -1.82 25.03 -23.06
CA THR B 282 -2.70 23.86 -22.90
C THR B 282 -4.10 23.98 -23.49
N GLU B 283 -4.61 25.19 -23.67
CA GLU B 283 -6.02 25.37 -24.03
C GLU B 283 -6.38 24.78 -25.39
N GLY B 284 -5.40 24.62 -26.27
CA GLY B 284 -5.64 24.06 -27.60
C GLY B 284 -5.39 22.56 -27.75
N LEU B 285 -5.01 21.88 -26.66
CA LEU B 285 -4.61 20.47 -26.75
C LEU B 285 -5.71 19.54 -27.24
N VAL B 286 -6.88 19.65 -26.63
CA VAL B 286 -8.01 18.80 -26.98
C VAL B 286 -8.91 19.56 -27.96
N GLU B 287 -9.17 18.98 -29.11
CA GLU B 287 -10.09 19.57 -30.08
C GLU B 287 -11.50 19.54 -29.52
N ALA B 288 -12.08 20.72 -29.29
CA ALA B 288 -13.35 20.87 -28.57
C ALA B 288 -14.49 20.03 -29.14
N THR B 289 -14.58 19.97 -30.46
CA THR B 289 -15.73 19.38 -31.14
C THR B 289 -15.58 17.91 -31.56
N MET B 290 -14.35 17.43 -31.69
CA MET B 290 -14.08 16.06 -32.15
C MET B 290 -14.48 15.04 -31.07
N PRO B 291 -15.44 14.15 -31.37
CA PRO B 291 -15.80 13.11 -30.41
C PRO B 291 -14.75 12.03 -30.28
N PRO B 292 -14.81 11.22 -29.21
CA PRO B 292 -13.82 10.14 -29.07
C PRO B 292 -13.94 9.03 -30.12
N GLY B 293 -15.13 8.86 -30.69
CA GLY B 293 -15.33 7.88 -31.77
C GLY B 293 -15.49 6.45 -31.28
N VAL B 294 -15.95 6.29 -30.05
CA VAL B 294 -16.22 4.97 -29.45
C VAL B 294 -17.50 5.00 -28.64
N GLN B 295 -18.03 3.82 -28.31
CA GLN B 295 -19.24 3.72 -27.51
C GLN B 295 -19.00 4.41 -26.17
N LEU B 296 -19.84 5.39 -25.86
CA LEU B 296 -19.61 6.28 -24.72
C LEU B 296 -20.80 6.26 -23.77
N HIS B 297 -20.50 6.13 -22.48
CA HIS B 297 -21.51 6.23 -21.44
C HIS B 297 -21.11 7.38 -20.53
N CYS B 298 -21.87 8.47 -20.57
CA CYS B 298 -21.57 9.66 -19.80
C CYS B 298 -22.42 9.74 -18.54
N LEU B 299 -21.77 9.50 -17.40
CA LEU B 299 -22.43 9.56 -16.11
C LEU B 299 -22.07 10.87 -15.42
N TYR B 300 -23.09 11.58 -14.95
CA TYR B 300 -22.88 12.86 -14.27
C TYR B 300 -23.75 12.98 -13.03
N GLY B 301 -23.17 13.53 -11.96
CA GLY B 301 -23.91 13.76 -10.72
C GLY B 301 -24.65 15.09 -10.75
N THR B 302 -25.83 15.12 -10.11
CA THR B 302 -26.64 16.34 -10.03
C THR B 302 -27.22 16.49 -8.63
N GLY B 303 -27.81 17.65 -8.36
CA GLY B 303 -28.48 17.93 -7.10
C GLY B 303 -27.54 18.27 -5.96
N VAL B 304 -26.28 18.59 -6.27
CA VAL B 304 -25.29 18.91 -5.25
C VAL B 304 -24.80 20.35 -5.48
N PRO B 305 -24.85 21.20 -4.44
CA PRO B 305 -24.43 22.58 -4.66
C PRO B 305 -22.98 22.64 -5.15
N THR B 306 -22.77 23.29 -6.29
CA THR B 306 -21.45 23.36 -6.91
C THR B 306 -21.07 24.83 -7.14
N PRO B 307 -19.84 25.23 -6.76
CA PRO B 307 -19.46 26.64 -6.96
C PRO B 307 -19.64 27.10 -8.40
N ASP B 308 -20.32 28.22 -8.59
CA ASP B 308 -20.67 28.75 -9.92
C ASP B 308 -19.95 30.07 -10.21
N SER B 309 -19.96 30.99 -9.25
CA SER B 309 -19.28 32.27 -9.39
C SER B 309 -18.85 32.80 -8.02
N PHE B 310 -17.97 33.78 -8.01
CA PHE B 310 -17.32 34.26 -6.78
C PHE B 310 -17.31 35.76 -6.68
N TYR B 311 -17.55 36.26 -5.47
CA TYR B 311 -17.35 37.68 -5.17
C TYR B 311 -16.20 37.83 -4.20
N TYR B 312 -15.20 38.62 -4.59
CA TYR B 312 -14.08 38.93 -3.74
C TYR B 312 -14.23 40.31 -3.13
N GLU B 313 -14.29 40.36 -1.81
CA GLU B 313 -14.31 41.61 -1.07
C GLU B 313 -12.94 42.26 -1.13
N SER B 314 -11.91 41.42 -1.07
CA SER B 314 -10.52 41.85 -1.24
C SER B 314 -9.79 40.84 -2.11
N PHE B 315 -9.08 41.34 -3.11
CA PHE B 315 -8.49 40.51 -4.15
C PHE B 315 -6.96 40.55 -4.03
N PRO B 316 -6.28 39.40 -4.03
CA PRO B 316 -6.86 38.06 -4.01
C PRO B 316 -6.57 37.29 -2.71
N ASP B 317 -6.19 38.00 -1.65
CA ASP B 317 -5.71 37.37 -0.41
C ASP B 317 -6.78 37.08 0.64
N ARG B 318 -8.04 37.37 0.31
CA ARG B 318 -9.17 37.16 1.22
C ARG B 318 -10.12 36.16 0.57
N ASP B 319 -10.66 35.24 1.36
CA ASP B 319 -11.55 34.20 0.82
C ASP B 319 -12.84 34.82 0.30
N PRO B 320 -13.34 34.33 -0.84
CA PRO B 320 -14.49 34.95 -1.47
C PRO B 320 -15.81 34.40 -1.00
N LYS B 321 -16.88 35.12 -1.33
CA LYS B 321 -18.23 34.63 -1.11
C LYS B 321 -18.57 33.83 -2.36
N ILE B 322 -19.30 32.73 -2.19
CA ILE B 322 -19.52 31.78 -3.27
C ILE B 322 -21.00 31.66 -3.63
N CYS B 323 -21.30 31.77 -4.92
CA CYS B 323 -22.64 31.49 -5.45
C CYS B 323 -22.64 30.08 -6.05
N PHE B 324 -23.69 29.31 -5.78
CA PHE B 324 -23.73 27.91 -6.16
C PHE B 324 -24.72 27.60 -7.28
N GLY B 325 -24.34 26.67 -8.14
CA GLY B 325 -25.20 26.14 -9.18
C GLY B 325 -25.30 24.63 -9.06
N ASP B 326 -25.77 23.98 -10.12
CA ASP B 326 -25.99 22.53 -10.09
C ASP B 326 -24.74 21.78 -10.55
N GLY B 327 -24.66 20.51 -10.15
CA GLY B 327 -23.54 19.64 -10.47
C GLY B 327 -23.38 18.58 -9.40
N ASP B 328 -22.14 18.12 -9.22
CA ASP B 328 -21.82 17.05 -8.26
C ASP B 328 -21.02 17.54 -7.05
N GLY B 329 -20.91 18.85 -6.89
CA GLY B 329 -20.11 19.44 -5.80
C GLY B 329 -18.79 20.02 -6.29
N THR B 330 -18.29 19.50 -7.41
CA THR B 330 -17.03 19.96 -7.99
C THR B 330 -17.25 20.32 -9.47
N VAL B 331 -17.69 19.35 -10.25
CA VAL B 331 -17.95 19.53 -11.68
C VAL B 331 -19.33 20.12 -11.95
N ASN B 332 -19.35 21.23 -12.67
CA ASN B 332 -20.58 21.93 -12.94
C ASN B 332 -21.42 21.13 -13.91
N LEU B 333 -22.73 21.16 -13.70
CA LEU B 333 -23.68 20.49 -14.59
C LEU B 333 -23.47 20.87 -16.06
N LYS B 334 -23.15 22.13 -16.31
CA LYS B 334 -22.98 22.62 -17.67
C LYS B 334 -21.93 21.85 -18.47
N SER B 335 -21.02 21.16 -17.79
CA SER B 335 -20.05 20.27 -18.44
C SER B 335 -20.71 19.15 -19.26
N ALA B 336 -21.84 18.62 -18.79
CA ALA B 336 -22.53 17.51 -19.46
C ALA B 336 -23.12 17.84 -20.83
N LEU B 337 -23.08 19.12 -21.21
CA LEU B 337 -23.55 19.55 -22.53
C LEU B 337 -22.74 18.95 -23.67
N GLN B 338 -21.45 18.73 -23.44
CA GLN B 338 -20.56 18.22 -24.48
C GLN B 338 -20.98 16.82 -24.93
N CYS B 339 -21.35 15.98 -23.97
CA CYS B 339 -21.87 14.65 -24.26
C CYS B 339 -23.16 14.78 -25.06
N GLN B 340 -24.01 15.71 -24.63
CA GLN B 340 -25.25 16.03 -25.33
C GLN B 340 -24.95 16.41 -26.77
N ALA B 341 -23.95 17.27 -26.96
CA ALA B 341 -23.56 17.72 -28.29
C ALA B 341 -23.01 16.57 -29.14
N TRP B 342 -22.28 15.65 -28.52
CA TRP B 342 -21.72 14.50 -29.24
C TRP B 342 -22.77 13.51 -29.70
N GLN B 343 -23.86 13.43 -28.94
CA GLN B 343 -24.97 12.55 -29.28
C GLN B 343 -25.44 12.74 -30.73
N SER B 344 -25.48 13.98 -31.19
CA SER B 344 -25.92 14.31 -32.54
C SER B 344 -24.81 14.28 -33.60
N ARG B 345 -23.57 14.06 -33.19
CA ARG B 345 -22.40 14.33 -34.03
C ARG B 345 -21.50 13.13 -34.33
N GLN B 346 -21.85 11.94 -33.84
CA GLN B 346 -20.93 10.79 -33.91
C GLN B 346 -21.70 9.53 -34.27
N GLU B 347 -20.99 8.57 -34.83
CA GLU B 347 -21.58 7.32 -35.33
C GLU B 347 -21.82 6.32 -34.21
N HIS B 348 -20.82 6.15 -33.36
CA HIS B 348 -20.96 5.20 -32.27
C HIS B 348 -21.98 5.72 -31.25
N GLN B 349 -22.53 4.79 -30.47
CA GLN B 349 -23.57 5.12 -29.49
C GLN B 349 -23.06 6.02 -28.38
N VAL B 350 -23.92 6.93 -27.91
CA VAL B 350 -23.62 7.83 -26.81
C VAL B 350 -24.80 7.77 -25.83
N LEU B 351 -24.57 7.24 -24.63
CA LEU B 351 -25.63 7.11 -23.63
C LEU B 351 -25.37 8.08 -22.49
N LEU B 352 -26.37 8.88 -22.14
CA LEU B 352 -26.24 9.81 -21.02
C LEU B 352 -26.96 9.25 -19.80
N GLN B 353 -26.38 9.44 -18.63
CA GLN B 353 -26.97 8.91 -17.40
C GLN B 353 -26.82 9.87 -16.22
N GLU B 354 -27.93 10.45 -15.78
CA GLU B 354 -27.95 11.31 -14.59
C GLU B 354 -27.82 10.47 -13.32
N LEU B 355 -27.11 11.03 -12.34
CA LEU B 355 -26.96 10.41 -11.02
C LEU B 355 -27.40 11.39 -9.93
N PRO B 356 -28.72 11.47 -9.67
CA PRO B 356 -29.22 12.49 -8.79
C PRO B 356 -28.79 12.28 -7.34
N GLY B 357 -28.23 13.32 -6.74
CA GLY B 357 -27.80 13.27 -5.34
C GLY B 357 -26.46 12.58 -5.12
N SER B 358 -25.74 12.27 -6.19
CA SER B 358 -24.44 11.61 -6.07
C SER B 358 -23.32 12.65 -6.12
N GLU B 359 -22.51 12.67 -5.06
CA GLU B 359 -21.35 13.58 -4.99
C GLU B 359 -20.22 13.11 -5.91
N HIS B 360 -19.41 14.07 -6.32
CA HIS B 360 -18.32 13.88 -7.29
C HIS B 360 -17.44 12.65 -7.01
N ILE B 361 -17.01 12.47 -5.77
CA ILE B 361 -16.17 11.33 -5.40
C ILE B 361 -17.01 10.12 -5.02
N GLU B 362 -18.09 10.35 -4.28
CA GLU B 362 -18.95 9.28 -3.81
C GLU B 362 -19.52 8.43 -4.94
N MET B 363 -19.66 9.01 -6.12
CA MET B 363 -20.20 8.29 -7.28
C MET B 363 -19.38 7.04 -7.62
N LEU B 364 -18.09 7.06 -7.31
CA LEU B 364 -17.20 5.92 -7.58
C LEU B 364 -17.46 4.69 -6.73
N ALA B 365 -18.12 4.87 -5.59
CA ALA B 365 -18.45 3.76 -4.68
C ALA B 365 -19.96 3.59 -4.55
N ASN B 366 -20.71 4.23 -5.43
CA ASN B 366 -22.17 4.22 -5.35
C ASN B 366 -22.75 2.98 -6.03
N ALA B 367 -23.71 2.34 -5.37
CA ALA B 367 -24.31 1.10 -5.86
C ALA B 367 -24.97 1.25 -7.23
N THR B 368 -25.56 2.41 -7.50
CA THR B 368 -26.18 2.68 -8.79
C THR B 368 -25.12 2.77 -9.89
N THR B 369 -23.99 3.40 -9.59
CA THR B 369 -22.88 3.47 -10.53
C THR B 369 -22.38 2.08 -10.87
N LEU B 370 -22.22 1.25 -9.83
CA LEU B 370 -21.72 -0.10 -9.99
C LEU B 370 -22.69 -0.98 -10.78
N ALA B 371 -23.99 -0.80 -10.52
CA ALA B 371 -25.02 -1.51 -11.26
C ALA B 371 -24.99 -1.17 -12.76
N TYR B 372 -24.73 0.10 -13.08
CA TYR B 372 -24.62 0.50 -14.48
C TYR B 372 -23.39 -0.12 -15.12
N LEU B 373 -22.27 -0.12 -14.41
CA LEU B 373 -21.06 -0.76 -14.88
C LEU B 373 -21.28 -2.25 -15.17
N LYS B 374 -21.97 -2.93 -14.26
CA LYS B 374 -22.37 -4.32 -14.46
C LYS B 374 -23.05 -4.56 -15.80
N ARG B 375 -24.01 -3.69 -16.12
CA ARG B 375 -24.73 -3.72 -17.40
C ARG B 375 -23.80 -3.61 -18.59
N VAL B 376 -22.84 -2.69 -18.51
CA VAL B 376 -21.91 -2.47 -19.59
C VAL B 376 -21.03 -3.71 -19.79
N LEU B 377 -20.54 -4.28 -18.69
CA LEU B 377 -19.59 -5.39 -18.73
C LEU B 377 -20.22 -6.74 -19.08
N LEU B 378 -21.35 -7.05 -18.45
CA LEU B 378 -21.97 -8.37 -18.58
C LEU B 378 -23.13 -8.41 -19.59
N GLY B 379 -23.67 -7.25 -19.94
CA GLY B 379 -24.73 -7.16 -20.95
C GLY B 379 -24.17 -7.28 -22.35
N PRO B 380 -25.05 -7.51 -23.36
CA PRO B 380 -24.69 -8.00 -24.69
C PRO B 380 -23.72 -7.10 -25.46
#